data_7LZE
#
_entry.id   7LZE
#
_cell.length_a   1.00
_cell.length_b   1.00
_cell.length_c   1.00
_cell.angle_alpha   90.00
_cell.angle_beta   90.00
_cell.angle_gamma   90.00
#
_symmetry.space_group_name_H-M   'P 1'
#
loop_
_entity.id
_entity.type
_entity.pdbx_description
1 polymer 'Fusion glycoprotein F0'
2 branched 2-acetamido-2-deoxy-beta-D-glucopyranose-(1-4)-2-acetamido-2-deoxy-beta-D-glucopyranose
3 non-polymer 2-acetamido-2-deoxy-beta-D-glucopyranose
#
_entity_poly.entity_id   1
_entity_poly.type   'polypeptide(L)'
_entity_poly.pdbx_seq_one_letter_code
;LKESYLEESCSTITEGYLSVLRTGWYTNVFTLEVGDVENLTCTDCPSLIKTELDLTKSALRELKTVSADQLAREEQIEGG
GGGGFVLGAIALGVATAAAVTAGIAIAKTIRLESEVNAIKGCLKTTNECVSTLGNGVRVLATAVRELKEFVSKNLTSAIN
KNKCDIADLCMAVSFSQFNRRFLNVVRQFSDNAGITPAISLDLMTDAELARAVSYMPTSAGQIKLMLENRAMVRRKGFGI
LIGVYGSSVIYMVQLPIFGVIDTPCWIIKAAPSCSEKDGNYACLLREDQGWYCKNAGSTVYYPNDKDCETRGDHVFCDTA
AGINVAEQSRECNINISTTNYPCKVSTGRHPISMVALSPLGALVACYKGVSCSIGSNRVGIIKQLPKGCSYITNQDADTV
TIDNTVYQLSKVEGEQHVIKGRPVSSSFDPICFPEDQFNVALDQVFESIENCQALVDQSNKILNSAESAIGGYIPEAPRD
GQAYVRKDGEWVLLSTFLGGLVPR
;
_entity_poly.pdbx_strand_id   A,B,C
#
# COMPACT_ATOMS: atom_id res chain seq x y z
N LEU A 1 -27.84 9.62 -2.36
CA LEU A 1 -27.52 9.10 -1.02
C LEU A 1 -28.79 9.03 -0.18
N LYS A 2 -29.13 7.82 0.28
CA LYS A 2 -30.32 7.61 1.08
C LYS A 2 -30.08 6.38 1.94
N GLU A 3 -29.90 6.59 3.24
CA GLU A 3 -29.59 5.52 4.19
C GLU A 3 -30.87 5.04 4.85
N SER A 4 -31.09 3.73 4.81
CA SER A 4 -32.26 3.10 5.40
C SER A 4 -31.83 2.20 6.56
N TYR A 5 -32.56 2.28 7.67
CA TYR A 5 -32.27 1.49 8.85
C TYR A 5 -33.22 0.30 8.88
N LEU A 6 -32.65 -0.92 8.92
CA LEU A 6 -33.41 -2.15 8.98
C LEU A 6 -33.34 -2.70 10.40
N GLU A 7 -34.48 -2.69 11.10
CA GLU A 7 -34.50 -3.03 12.51
C GLU A 7 -34.61 -4.53 12.77
N GLU A 8 -34.93 -5.34 11.76
CA GLU A 8 -35.02 -6.78 11.97
C GLU A 8 -33.66 -7.45 12.03
N SER A 9 -32.59 -6.77 11.65
CA SER A 9 -31.26 -7.34 11.69
C SER A 9 -30.19 -6.37 12.16
N CYS A 10 -30.54 -5.14 12.55
CA CYS A 10 -29.58 -4.15 13.02
C CYS A 10 -28.52 -3.89 11.96
N SER A 11 -28.96 -3.38 10.82
CA SER A 11 -28.07 -3.05 9.72
C SER A 11 -28.68 -1.93 8.90
N THR A 12 -27.84 -1.26 8.12
CA THR A 12 -28.26 -0.15 7.28
C THR A 12 -27.71 -0.32 5.87
N ILE A 13 -28.49 0.13 4.89
CA ILE A 13 -28.12 0.06 3.48
C ILE A 13 -28.26 1.47 2.89
N THR A 14 -27.22 1.91 2.18
CA THR A 14 -27.20 3.22 1.55
C THR A 14 -27.21 3.05 0.05
N GLU A 15 -28.28 3.51 -0.60
CA GLU A 15 -28.48 3.35 -2.04
C GLU A 15 -28.48 4.73 -2.68
N GLY A 16 -27.29 5.25 -2.98
CA GLY A 16 -27.19 6.50 -3.70
C GLY A 16 -25.99 6.59 -4.62
N TYR A 17 -25.28 5.49 -4.80
CA TYR A 17 -24.01 5.49 -5.50
C TYR A 17 -24.16 4.96 -6.92
N LEU A 18 -23.15 5.25 -7.73
CA LEU A 18 -23.04 4.74 -9.09
C LEU A 18 -21.68 4.06 -9.24
N SER A 19 -21.67 2.90 -9.89
CA SER A 19 -20.46 2.09 -9.96
C SER A 19 -19.63 2.46 -11.19
N VAL A 20 -18.31 2.32 -11.03
CA VAL A 20 -17.35 2.50 -12.12
C VAL A 20 -16.32 1.38 -11.98
N LEU A 21 -16.33 0.45 -12.92
CA LEU A 21 -15.53 -0.76 -12.82
C LEU A 21 -14.52 -0.82 -13.97
N ARG A 22 -13.36 -1.44 -13.69
CA ARG A 22 -12.31 -1.60 -14.67
C ARG A 22 -12.51 -2.91 -15.44
N THR A 23 -12.25 -2.86 -16.74
CA THR A 23 -12.43 -4.01 -17.61
C THR A 23 -11.25 -4.16 -18.56
N GLY A 24 -10.04 -4.05 -18.03
CA GLY A 24 -8.84 -4.27 -18.81
C GLY A 24 -7.77 -3.27 -18.46
N TRP A 25 -6.77 -3.15 -19.33
CA TRP A 25 -5.67 -2.23 -19.13
C TRP A 25 -5.24 -1.65 -20.47
N TYR A 26 -4.93 -0.36 -20.49
CA TYR A 26 -4.37 0.28 -21.66
C TYR A 26 -2.84 0.25 -21.55
N THR A 27 -2.14 0.90 -22.48
CA THR A 27 -0.69 0.89 -22.44
C THR A 27 -0.09 1.93 -23.38
N ASN A 28 0.85 2.71 -22.88
CA ASN A 28 1.63 3.65 -23.68
C ASN A 28 3.10 3.47 -23.36
N VAL A 29 3.95 3.68 -24.36
CA VAL A 29 5.39 3.55 -24.21
C VAL A 29 6.01 4.91 -24.47
N PHE A 30 6.85 5.37 -23.55
CA PHE A 30 7.50 6.67 -23.64
C PHE A 30 9.01 6.47 -23.71
N THR A 31 9.70 7.41 -24.37
CA THR A 31 11.15 7.38 -24.51
C THR A 31 11.66 8.80 -24.28
N LEU A 32 12.16 9.08 -23.09
CA LEU A 32 12.66 10.39 -22.73
C LEU A 32 14.17 10.45 -22.93
N GLU A 33 14.63 11.43 -23.69
CA GLU A 33 16.04 11.58 -24.00
C GLU A 33 16.58 12.86 -23.40
N VAL A 34 17.80 12.80 -22.88
CA VAL A 34 18.43 13.98 -22.30
C VAL A 34 18.76 14.97 -23.41
N GLY A 35 18.74 16.25 -23.06
CA GLY A 35 19.01 17.29 -24.04
C GLY A 35 20.47 17.29 -24.48
N ASP A 36 20.71 18.06 -25.54
CA ASP A 36 22.05 18.19 -26.11
C ASP A 36 22.75 19.38 -25.49
N VAL A 37 23.97 19.16 -25.00
CA VAL A 37 24.79 20.21 -24.40
C VAL A 37 25.97 20.49 -25.33
N GLU A 38 26.15 21.76 -25.69
CA GLU A 38 27.23 22.13 -26.57
C GLU A 38 28.57 21.73 -25.96
N ASN A 39 29.45 21.19 -26.79
CA ASN A 39 30.75 20.73 -26.32
C ASN A 39 31.51 21.89 -25.69
N LEU A 40 32.07 21.64 -24.51
CA LEU A 40 32.77 22.67 -23.75
C LEU A 40 34.27 22.48 -23.88
N THR A 41 34.97 23.54 -24.26
CA THR A 41 36.41 23.47 -24.43
C THR A 41 37.09 23.14 -23.11
N CYS A 42 38.18 22.37 -23.19
CA CYS A 42 38.88 21.87 -22.01
C CYS A 42 37.95 20.99 -21.17
N THR A 43 37.51 19.89 -21.78
CA THR A 43 36.70 18.93 -21.05
C THR A 43 37.44 18.33 -19.86
N ASP A 44 38.77 18.32 -19.91
CA ASP A 44 39.55 17.74 -18.81
C ASP A 44 39.37 18.55 -17.53
N CYS A 45 39.51 19.87 -17.61
CA CYS A 45 39.42 20.69 -16.41
C CYS A 45 37.99 20.63 -15.85
N PRO A 46 37.84 20.53 -14.54
CA PRO A 46 36.50 20.41 -13.96
C PRO A 46 35.69 21.68 -14.14
N SER A 47 34.37 21.51 -14.19
CA SER A 47 33.46 22.64 -14.33
C SER A 47 32.12 22.27 -13.68
N LEU A 48 31.35 23.30 -13.34
CA LEU A 48 30.06 23.08 -12.70
C LEU A 48 29.06 22.39 -13.63
N ILE A 49 29.34 22.33 -14.93
CA ILE A 49 28.47 21.61 -15.85
C ILE A 49 28.93 20.17 -16.03
N LYS A 50 30.25 19.95 -16.07
CA LYS A 50 30.75 18.58 -16.17
C LYS A 50 30.34 17.76 -14.96
N THR A 51 30.41 18.34 -13.77
CA THR A 51 29.96 17.63 -12.58
C THR A 51 28.48 17.29 -12.67
N GLU A 52 27.66 18.23 -13.15
CA GLU A 52 26.24 17.96 -13.31
C GLU A 52 26.00 16.84 -14.32
N LEU A 53 26.73 16.86 -15.43
CA LEU A 53 26.60 15.78 -16.41
C LEU A 53 27.04 14.46 -15.81
N ASP A 54 28.14 14.46 -15.05
CA ASP A 54 28.63 13.21 -14.48
C ASP A 54 27.61 12.60 -13.51
N LEU A 55 26.97 13.43 -12.70
CA LEU A 55 25.93 12.93 -11.81
C LEU A 55 24.79 12.31 -12.59
N THR A 56 24.38 12.96 -13.69
CA THR A 56 23.31 12.40 -14.51
C THR A 56 23.71 11.06 -15.10
N LYS A 57 24.95 10.96 -15.60
CA LYS A 57 25.41 9.69 -16.15
C LYS A 57 25.46 8.61 -15.07
N SER A 58 25.95 8.96 -13.89
CA SER A 58 26.00 8.00 -12.79
C SER A 58 24.59 7.59 -12.36
N ALA A 59 23.66 8.55 -12.31
CA ALA A 59 22.30 8.24 -11.92
C ALA A 59 21.65 7.27 -12.90
N LEU A 60 21.85 7.49 -14.20
CA LEU A 60 21.28 6.58 -15.20
C LEU A 60 21.90 5.20 -15.10
N ARG A 61 23.22 5.12 -14.90
CA ARG A 61 23.88 3.83 -14.82
C ARG A 61 23.32 2.99 -13.67
N GLU A 62 23.16 3.60 -12.50
CA GLU A 62 22.57 2.88 -11.38
C GLU A 62 21.12 2.50 -11.68
N LEU A 63 20.37 3.39 -12.32
CA LEU A 63 18.98 3.09 -12.65
C LEU A 63 18.86 1.90 -13.58
N LYS A 64 19.89 1.66 -14.41
CA LYS A 64 19.82 0.54 -15.35
C LYS A 64 19.70 -0.79 -14.62
N THR A 65 20.23 -0.88 -13.41
CA THR A 65 20.15 -2.14 -12.66
C THR A 65 18.71 -2.52 -12.36
N VAL A 66 17.89 -1.54 -11.95
CA VAL A 66 16.48 -1.78 -11.66
C VAL A 66 15.72 -1.50 -12.95
N SER A 67 15.58 -2.54 -13.77
CA SER A 67 14.89 -2.43 -15.05
C SER A 67 14.08 -3.71 -15.25
N ALA A 68 13.53 -3.86 -16.45
CA ALA A 68 12.77 -5.05 -16.81
C ALA A 68 13.13 -5.64 -18.16
N ASP A 69 13.77 -4.89 -19.05
CA ASP A 69 14.08 -5.40 -20.38
C ASP A 69 15.30 -6.32 -20.36
N GLN A 70 16.44 -5.79 -19.91
CA GLN A 70 17.69 -6.54 -19.90
C GLN A 70 18.16 -6.91 -18.51
N LEU A 71 18.30 -5.93 -17.62
CA LEU A 71 18.78 -6.19 -16.27
C LEU A 71 17.60 -6.35 -15.32
N ALA A 72 17.64 -7.42 -14.52
CA ALA A 72 16.56 -7.71 -13.59
C ALA A 72 15.24 -7.90 -14.32
N LYS A 163 37.22 25.53 -10.39
CA LYS A 163 36.93 26.75 -11.14
C LYS A 163 35.46 26.83 -11.50
N CYS A 164 34.94 28.05 -11.61
CA CYS A 164 33.54 28.25 -11.97
C CYS A 164 33.40 29.67 -12.52
N ASP A 165 32.97 29.78 -13.77
CA ASP A 165 32.83 31.06 -14.45
C ASP A 165 31.35 31.38 -14.63
N ILE A 166 31.09 32.62 -15.07
CA ILE A 166 29.72 33.08 -15.25
C ILE A 166 29.02 32.22 -16.30
N ALA A 167 29.70 31.96 -17.43
CA ALA A 167 29.11 31.14 -18.48
C ALA A 167 28.87 29.72 -17.97
N ASP A 168 29.80 29.19 -17.18
CA ASP A 168 29.66 27.82 -16.68
C ASP A 168 28.42 27.70 -15.80
N LEU A 169 28.15 28.70 -14.97
CA LEU A 169 27.00 28.61 -14.06
C LEU A 169 25.69 28.52 -14.82
N CYS A 170 25.59 29.22 -15.95
CA CYS A 170 24.34 29.19 -16.72
C CYS A 170 24.03 27.78 -17.19
N MET A 171 25.04 27.05 -17.67
CA MET A 171 24.82 25.67 -18.09
C MET A 171 24.28 24.81 -16.94
N ALA A 172 24.87 24.95 -15.76
CA ALA A 172 24.42 24.16 -14.62
C ALA A 172 22.97 24.44 -14.29
N VAL A 173 22.58 25.72 -14.26
CA VAL A 173 21.20 26.07 -13.98
C VAL A 173 20.30 25.71 -15.16
N SER A 174 20.74 26.02 -16.38
CA SER A 174 19.91 25.76 -17.55
C SER A 174 19.72 24.26 -17.78
N PHE A 175 20.75 23.47 -17.50
CA PHE A 175 20.64 22.03 -17.72
C PHE A 175 19.51 21.43 -16.89
N SER A 176 19.40 21.84 -15.62
CA SER A 176 18.36 21.32 -14.75
C SER A 176 17.00 21.93 -15.03
N GLN A 177 16.91 22.96 -15.88
CA GLN A 177 15.63 23.59 -16.20
C GLN A 177 15.02 22.96 -17.46
N PHE A 178 15.75 22.98 -18.57
CA PHE A 178 15.23 22.39 -19.80
C PHE A 178 14.98 20.90 -19.62
N ASN A 179 15.92 20.20 -18.99
CA ASN A 179 15.78 18.76 -18.75
C ASN A 179 15.15 18.51 -17.38
N ARG A 180 13.98 19.12 -17.18
CA ARG A 180 13.27 18.98 -15.90
C ARG A 180 12.35 17.77 -15.90
N ARG A 181 11.64 17.52 -17.00
CA ARG A 181 10.78 16.34 -17.05
C ARG A 181 11.59 15.06 -16.97
N PHE A 182 12.72 15.01 -17.68
CA PHE A 182 13.54 13.80 -17.67
C PHE A 182 14.06 13.50 -16.28
N LEU A 183 14.57 14.53 -15.58
CA LEU A 183 15.12 14.30 -14.25
C LEU A 183 14.04 13.83 -13.28
N ASN A 184 12.84 14.40 -13.37
CA ASN A 184 11.76 14.00 -12.49
C ASN A 184 11.39 12.53 -12.70
N VAL A 185 11.34 12.09 -13.96
CA VAL A 185 11.04 10.69 -14.24
C VAL A 185 12.15 9.79 -13.68
N VAL A 186 13.41 10.20 -13.86
CA VAL A 186 14.52 9.44 -13.28
C VAL A 186 14.41 9.44 -11.75
N ARG A 187 14.09 10.60 -11.17
CA ARG A 187 14.01 10.70 -9.72
C ARG A 187 12.90 9.81 -9.17
N GLN A 188 11.74 9.79 -9.83
CA GLN A 188 10.62 9.00 -9.33
C GLN A 188 10.91 7.51 -9.41
N PHE A 189 11.49 7.06 -10.52
CA PHE A 189 11.78 5.64 -10.67
C PHE A 189 12.82 5.18 -9.65
N SER A 190 13.85 5.99 -9.43
CA SER A 190 14.86 5.64 -8.43
C SER A 190 14.27 5.58 -7.03
N ASP A 191 13.40 6.54 -6.70
CA ASP A 191 12.81 6.58 -5.36
C ASP A 191 11.99 5.33 -5.08
N ASN A 192 11.20 4.89 -6.05
CA ASN A 192 10.36 3.71 -5.89
C ASN A 192 11.04 2.43 -6.32
N ALA A 193 12.26 2.51 -6.85
CA ALA A 193 13.04 1.34 -7.23
C ALA A 193 12.33 0.53 -8.31
N GLY A 194 12.07 1.18 -9.45
CA GLY A 194 11.63 0.48 -10.63
C GLY A 194 10.25 0.85 -11.15
N ILE A 195 9.28 1.02 -10.26
CA ILE A 195 7.90 1.29 -10.65
C ILE A 195 7.32 2.35 -9.74
N THR A 196 6.59 3.30 -10.33
CA THR A 196 5.91 4.32 -9.53
C THR A 196 4.52 3.85 -9.14
N PRO A 197 4.08 4.14 -7.91
CA PRO A 197 2.74 3.68 -7.50
C PRO A 197 1.61 4.24 -8.35
N ALA A 198 1.75 5.48 -8.83
CA ALA A 198 0.71 6.12 -9.62
C ALA A 198 1.36 6.92 -10.74
N ILE A 199 0.54 7.30 -11.72
CA ILE A 199 1.02 8.06 -12.87
C ILE A 199 1.12 9.52 -12.48
N SER A 200 2.30 9.93 -12.02
CA SER A 200 2.52 11.31 -11.61
C SER A 200 2.38 12.24 -12.81
N LEU A 201 2.44 13.55 -12.59
CA LEU A 201 2.39 14.50 -13.69
C LEU A 201 3.79 14.81 -14.21
N ASP A 202 4.58 13.76 -14.40
CA ASP A 202 5.83 13.84 -15.13
C ASP A 202 6.04 12.67 -16.09
N LEU A 203 5.40 11.52 -15.86
CA LEU A 203 5.42 10.45 -16.83
C LEU A 203 4.49 10.75 -18.00
N MET A 204 3.31 11.30 -17.71
CA MET A 204 2.32 11.61 -18.72
C MET A 204 1.66 12.94 -18.37
N THR A 205 1.87 13.95 -19.22
CA THR A 205 1.22 15.23 -19.01
C THR A 205 -0.26 15.12 -19.35
N ASP A 206 -1.00 16.19 -19.01
CA ASP A 206 -2.44 16.17 -19.25
C ASP A 206 -2.76 16.06 -20.73
N ALA A 207 -1.99 16.74 -21.58
CA ALA A 207 -2.25 16.67 -23.01
C ALA A 207 -2.11 15.25 -23.52
N GLU A 208 -1.09 14.53 -23.08
CA GLU A 208 -0.91 13.14 -23.50
C GLU A 208 -1.98 12.24 -22.89
N LEU A 209 -2.34 12.47 -21.63
CA LEU A 209 -3.35 11.64 -20.98
C LEU A 209 -4.71 11.81 -21.65
N ALA A 210 -5.09 13.05 -21.96
CA ALA A 210 -6.38 13.28 -22.60
C ALA A 210 -6.46 12.60 -23.95
N ARG A 211 -5.39 12.68 -24.74
CA ARG A 211 -5.38 12.01 -26.03
C ARG A 211 -5.47 10.51 -25.88
N ALA A 212 -4.73 9.94 -24.92
CA ALA A 212 -4.74 8.49 -24.73
C ALA A 212 -6.13 8.00 -24.35
N VAL A 213 -6.80 8.71 -23.46
CA VAL A 213 -8.13 8.28 -23.01
C VAL A 213 -9.10 8.26 -24.18
N SER A 214 -8.98 9.22 -25.10
CA SER A 214 -9.90 9.29 -26.23
C SER A 214 -9.73 8.12 -27.19
N TYR A 215 -8.60 7.42 -27.14
CA TYR A 215 -8.35 6.30 -28.04
C TYR A 215 -8.73 4.95 -27.43
N MET A 216 -9.23 4.91 -26.21
CA MET A 216 -9.55 3.64 -25.58
C MET A 216 -10.69 2.96 -26.32
N PRO A 217 -10.71 1.62 -26.33
CA PRO A 217 -11.80 0.90 -27.02
C PRO A 217 -13.06 0.78 -26.16
N THR A 218 -13.70 1.92 -25.93
CA THR A 218 -14.94 1.97 -25.16
C THR A 218 -15.87 2.99 -25.78
N SER A 219 -17.17 2.82 -25.52
CA SER A 219 -18.17 3.71 -26.09
C SER A 219 -17.92 5.14 -25.62
N ALA A 220 -18.61 6.08 -26.27
CA ALA A 220 -18.42 7.49 -25.95
C ALA A 220 -18.82 7.80 -24.51
N GLY A 221 -19.78 7.06 -23.96
CA GLY A 221 -20.22 7.32 -22.60
C GLY A 221 -19.11 7.11 -21.59
N GLN A 222 -18.40 5.99 -21.70
CA GLN A 222 -17.30 5.72 -20.77
C GLN A 222 -16.18 6.73 -20.93
N ILE A 223 -15.85 7.09 -22.17
CA ILE A 223 -14.74 8.01 -22.41
C ILE A 223 -15.04 9.37 -21.80
N LYS A 224 -16.28 9.84 -21.93
CA LYS A 224 -16.64 11.14 -21.38
C LYS A 224 -16.46 11.16 -19.87
N LEU A 225 -16.87 10.09 -19.18
CA LEU A 225 -16.72 10.05 -17.73
C LEU A 225 -15.25 10.09 -17.31
N MET A 226 -14.39 9.33 -18.00
CA MET A 226 -12.99 9.29 -17.62
C MET A 226 -12.33 10.66 -17.74
N LEU A 227 -12.66 11.39 -18.81
CA LEU A 227 -12.11 12.74 -18.96
C LEU A 227 -12.62 13.67 -17.86
N GLU A 228 -13.88 13.52 -17.47
CA GLU A 228 -14.46 14.42 -16.48
C GLU A 228 -13.68 14.38 -15.17
N ASN A 229 -13.35 13.18 -14.70
CA ASN A 229 -12.59 13.01 -13.45
C ASN A 229 -11.41 12.09 -13.76
N ARG A 230 -10.31 12.68 -14.23
CA ARG A 230 -9.10 11.94 -14.52
C ARG A 230 -8.17 11.82 -13.33
N ALA A 231 -8.56 12.39 -12.18
CA ALA A 231 -7.76 12.21 -10.97
C ALA A 231 -7.71 10.74 -10.57
N MET A 232 -8.84 10.05 -10.64
CA MET A 232 -8.88 8.61 -10.36
C MET A 232 -8.67 7.79 -11.62
N VAL A 233 -7.66 8.17 -12.39
CA VAL A 233 -7.16 7.37 -13.51
C VAL A 233 -5.67 7.17 -13.28
N ARG A 234 -4.98 8.26 -12.94
CA ARG A 234 -3.57 8.16 -12.60
C ARG A 234 -3.36 7.31 -11.35
N ARG A 235 -4.23 7.47 -10.35
CA ARG A 235 -4.07 6.72 -9.11
C ARG A 235 -4.21 5.23 -9.35
N LYS A 236 -5.17 4.83 -10.19
CA LYS A 236 -5.39 3.41 -10.45
C LYS A 236 -4.32 2.81 -11.37
N GLY A 237 -3.62 3.64 -12.13
CA GLY A 237 -2.55 3.17 -13.00
C GLY A 237 -1.23 3.10 -12.27
N PHE A 238 -0.19 2.73 -13.02
CA PHE A 238 1.15 2.63 -12.45
C PHE A 238 2.20 2.50 -13.55
N GLY A 239 3.25 3.32 -13.48
CA GLY A 239 4.30 3.28 -14.49
C GLY A 239 5.28 2.15 -14.24
N ILE A 240 5.88 1.67 -15.32
CA ILE A 240 6.86 0.58 -15.28
C ILE A 240 8.07 1.00 -16.10
N LEU A 241 9.26 0.80 -15.53
CA LEU A 241 10.51 1.13 -16.20
C LEU A 241 10.96 -0.06 -17.04
N ILE A 242 10.98 0.11 -18.36
CA ILE A 242 11.35 -0.99 -19.25
C ILE A 242 12.87 -1.18 -19.24
N GLY A 243 13.61 -0.12 -19.53
CA GLY A 243 15.05 -0.21 -19.56
C GLY A 243 15.65 1.14 -19.86
N VAL A 244 16.98 1.19 -19.76
CA VAL A 244 17.75 2.40 -20.02
C VAL A 244 18.82 2.08 -21.05
N TYR A 245 18.82 2.83 -22.16
CA TYR A 245 19.81 2.68 -23.20
C TYR A 245 20.43 4.03 -23.49
N GLY A 246 21.76 4.09 -23.47
CA GLY A 246 22.43 5.35 -23.70
C GLY A 246 21.97 6.39 -22.70
N SER A 247 21.58 7.56 -23.20
CA SER A 247 21.09 8.65 -22.36
C SER A 247 19.57 8.74 -22.33
N SER A 248 18.87 7.77 -22.92
CA SER A 248 17.42 7.76 -22.97
C SER A 248 16.85 6.78 -21.96
N VAL A 249 15.58 6.97 -21.61
CA VAL A 249 14.87 6.13 -20.66
C VAL A 249 13.54 5.73 -21.28
N ILE A 250 13.21 4.45 -21.19
CA ILE A 250 11.99 3.89 -21.76
C ILE A 250 11.15 3.33 -20.64
N TYR A 251 9.87 3.72 -20.60
CA TYR A 251 8.97 3.27 -19.54
C TYR A 251 7.56 3.13 -20.08
N MET A 252 6.74 2.38 -19.36
CA MET A 252 5.36 2.10 -19.72
C MET A 252 4.44 2.61 -18.62
N VAL A 253 3.25 3.05 -19.00
CA VAL A 253 2.33 3.70 -18.08
C VAL A 253 1.19 2.76 -17.65
N GLN A 254 0.61 2.02 -18.59
CA GLN A 254 -0.43 1.04 -18.28
C GLN A 254 -1.64 1.70 -17.61
N LEU A 255 -2.30 2.56 -18.39
CA LEU A 255 -3.48 3.25 -17.89
C LEU A 255 -4.63 2.26 -17.68
N PRO A 256 -5.52 2.54 -16.72
CA PRO A 256 -6.71 1.71 -16.56
C PRO A 256 -7.76 2.04 -17.61
N ILE A 257 -8.67 1.08 -17.80
CA ILE A 257 -9.77 1.21 -18.75
C ILE A 257 -11.06 0.86 -18.02
N PHE A 258 -12.05 1.74 -18.13
CA PHE A 258 -13.34 1.55 -17.47
C PHE A 258 -14.40 1.24 -18.52
N GLY A 259 -15.15 0.16 -18.30
CA GLY A 259 -16.12 -0.29 -19.27
C GLY A 259 -17.55 -0.30 -18.76
N VAL A 260 -17.71 -0.40 -17.44
CA VAL A 260 -19.02 -0.42 -16.80
C VAL A 260 -19.14 0.83 -15.94
N ILE A 261 -20.12 1.67 -16.25
CA ILE A 261 -20.33 2.92 -15.53
C ILE A 261 -21.82 3.11 -15.27
N ASP A 262 -22.12 3.95 -14.29
CA ASP A 262 -23.49 4.36 -14.00
C ASP A 262 -24.40 3.15 -13.76
N THR A 263 -23.89 2.16 -13.04
CA THR A 263 -24.70 1.03 -12.58
C THR A 263 -24.97 1.20 -11.10
N PRO A 264 -26.22 1.44 -10.68
CA PRO A 264 -26.44 1.80 -9.27
C PRO A 264 -26.00 0.69 -8.33
N CYS A 265 -25.50 1.09 -7.17
CA CYS A 265 -25.14 0.12 -6.14
C CYS A 265 -25.05 0.79 -4.78
N TRP A 266 -24.86 -0.03 -3.76
CA TRP A 266 -25.09 0.37 -2.38
C TRP A 266 -23.99 -0.20 -1.48
N ILE A 267 -24.11 0.08 -0.18
CA ILE A 267 -23.20 -0.42 0.84
C ILE A 267 -24.03 -0.86 2.04
N ILE A 268 -23.65 -1.98 2.64
CA ILE A 268 -24.38 -2.56 3.77
C ILE A 268 -23.45 -2.61 4.98
N LYS A 269 -23.92 -2.10 6.12
CA LYS A 269 -23.22 -2.17 7.39
C LYS A 269 -24.16 -2.78 8.43
N ALA A 270 -23.62 -3.67 9.25
CA ALA A 270 -24.41 -4.40 10.23
C ALA A 270 -23.71 -4.43 11.58
N ALA A 271 -24.50 -4.55 12.62
CA ALA A 271 -24.01 -4.62 14.00
C ALA A 271 -24.79 -5.70 14.73
N PRO A 272 -24.23 -6.23 15.83
CA PRO A 272 -24.93 -7.31 16.54
C PRO A 272 -26.29 -6.87 17.05
N SER A 273 -27.24 -7.81 17.04
CA SER A 273 -28.60 -7.60 17.55
C SER A 273 -28.88 -8.74 18.50
N CYS A 274 -28.59 -8.54 19.79
CA CYS A 274 -28.72 -9.57 20.80
C CYS A 274 -30.02 -9.37 21.58
N SER A 275 -30.84 -10.40 21.63
CA SER A 275 -32.06 -10.41 22.41
C SER A 275 -31.81 -11.07 23.76
N GLU A 276 -32.55 -10.61 24.77
CA GLU A 276 -32.42 -11.11 26.13
C GLU A 276 -33.59 -12.00 26.47
N LYS A 277 -33.30 -13.11 27.14
CA LYS A 277 -34.35 -14.06 27.55
C LYS A 277 -33.94 -14.65 28.89
N ASP A 278 -34.47 -14.08 29.97
CA ASP A 278 -34.20 -14.56 31.33
C ASP A 278 -32.70 -14.62 31.59
N GLY A 279 -31.98 -13.61 31.14
CA GLY A 279 -30.55 -13.55 31.33
C GLY A 279 -29.74 -14.29 30.29
N ASN A 280 -30.37 -14.96 29.34
CA ASN A 280 -29.69 -15.69 28.29
C ASN A 280 -29.80 -14.90 26.98
N TYR A 281 -28.66 -14.68 26.33
CA TYR A 281 -28.59 -13.84 25.15
C TYR A 281 -28.52 -14.69 23.88
N ALA A 282 -28.88 -14.07 22.76
CA ALA A 282 -28.81 -14.74 21.45
C ALA A 282 -28.49 -13.67 20.42
N CYS A 283 -27.21 -13.54 20.09
CA CYS A 283 -26.75 -12.52 19.16
C CYS A 283 -26.79 -13.04 17.73
N LEU A 284 -27.15 -12.16 16.79
CA LEU A 284 -27.16 -12.47 15.37
C LEU A 284 -26.50 -11.33 14.62
N LEU A 285 -25.28 -11.56 14.14
CA LEU A 285 -24.51 -10.55 13.41
C LEU A 285 -24.37 -10.98 11.96
N ARG A 286 -24.73 -10.09 11.04
CA ARG A 286 -24.62 -10.38 9.63
C ARG A 286 -23.16 -10.38 9.19
N GLU A 287 -22.82 -11.32 8.30
CA GLU A 287 -21.47 -11.41 7.76
C GLU A 287 -21.36 -10.88 6.34
N ASP A 288 -22.48 -10.59 5.68
CA ASP A 288 -22.47 -10.02 4.34
C ASP A 288 -22.33 -8.50 4.42
N GLN A 289 -21.20 -8.06 4.94
CA GLN A 289 -20.92 -6.66 5.20
C GLN A 289 -19.87 -6.15 4.23
N GLY A 290 -20.13 -5.00 3.63
CA GLY A 290 -19.22 -4.40 2.67
C GLY A 290 -19.99 -3.79 1.52
N TRP A 291 -19.30 -3.61 0.40
CA TRP A 291 -19.91 -3.04 -0.78
C TRP A 291 -20.70 -4.09 -1.54
N TYR A 292 -21.58 -3.63 -2.43
CA TYR A 292 -22.44 -4.53 -3.20
C TYR A 292 -22.83 -3.79 -4.47
N CYS A 293 -22.17 -4.10 -5.59
CA CYS A 293 -22.47 -3.44 -6.85
C CYS A 293 -22.79 -4.46 -7.93
N LYS A 294 -23.53 -3.99 -8.94
CA LYS A 294 -24.15 -4.83 -9.94
C LYS A 294 -23.51 -4.61 -11.31
N ASN A 295 -23.38 -5.69 -12.08
CA ASN A 295 -22.83 -5.59 -13.42
C ASN A 295 -23.00 -6.93 -14.13
N ALA A 296 -23.29 -6.87 -15.43
CA ALA A 296 -23.29 -8.04 -16.30
C ALA A 296 -24.14 -9.17 -15.71
N GLY A 297 -25.36 -8.83 -15.29
CA GLY A 297 -26.26 -9.83 -14.75
C GLY A 297 -25.72 -10.52 -13.52
N SER A 298 -25.03 -9.79 -12.66
CA SER A 298 -24.50 -10.34 -11.42
C SER A 298 -24.15 -9.19 -10.50
N THR A 299 -23.92 -9.53 -9.23
CA THR A 299 -23.58 -8.55 -8.20
C THR A 299 -22.23 -8.91 -7.60
N VAL A 300 -21.36 -7.92 -7.46
CA VAL A 300 -20.06 -8.12 -6.86
C VAL A 300 -20.14 -7.71 -5.40
N TYR A 301 -19.22 -8.25 -4.59
CA TYR A 301 -19.28 -8.15 -3.14
C TYR A 301 -17.92 -7.78 -2.55
N TYR A 302 -17.32 -6.69 -3.06
CA TYR A 302 -16.10 -6.20 -2.45
C TYR A 302 -16.31 -6.11 -0.94
N PRO A 303 -15.66 -6.97 -0.16
CA PRO A 303 -15.98 -7.05 1.27
C PRO A 303 -15.24 -6.04 2.15
N ASN A 304 -14.34 -5.25 1.58
CA ASN A 304 -13.58 -4.27 2.34
C ASN A 304 -13.99 -2.87 1.92
N ASP A 305 -14.29 -2.01 2.90
CA ASP A 305 -14.68 -0.64 2.59
C ASP A 305 -13.54 0.11 1.91
N LYS A 306 -12.29 -0.27 2.19
CA LYS A 306 -11.15 0.40 1.57
C LYS A 306 -10.93 -0.04 0.13
N ASP A 307 -11.55 -1.14 -0.30
CA ASP A 307 -11.38 -1.60 -1.68
C ASP A 307 -11.93 -0.58 -2.67
N CYS A 308 -13.08 0.01 -2.36
CA CYS A 308 -13.74 0.96 -3.24
C CYS A 308 -13.54 2.38 -2.71
N GLU A 309 -13.09 3.27 -3.58
CA GLU A 309 -12.88 4.67 -3.23
C GLU A 309 -14.04 5.50 -3.76
N THR A 310 -14.58 6.36 -2.91
CA THR A 310 -15.75 7.15 -3.25
C THR A 310 -15.33 8.56 -3.68
N ARG A 311 -15.96 9.04 -4.75
CA ARG A 311 -15.69 10.37 -5.30
C ARG A 311 -17.01 11.12 -5.49
N GLY A 312 -17.85 11.10 -4.46
CA GLY A 312 -19.19 11.65 -4.56
C GLY A 312 -20.21 10.55 -4.79
N ASP A 313 -20.99 10.67 -5.86
CA ASP A 313 -21.91 9.60 -6.26
C ASP A 313 -21.24 8.68 -7.27
N HIS A 314 -20.05 8.21 -6.92
CA HIS A 314 -19.29 7.31 -7.78
C HIS A 314 -18.35 6.49 -6.91
N VAL A 315 -18.31 5.18 -7.14
CA VAL A 315 -17.39 4.29 -6.43
C VAL A 315 -16.48 3.68 -7.48
N PHE A 316 -15.18 3.90 -7.32
CA PHE A 316 -14.18 3.39 -8.26
C PHE A 316 -13.62 2.07 -7.73
N CYS A 317 -14.50 1.07 -7.69
CA CYS A 317 -14.11 -0.24 -7.20
C CYS A 317 -13.10 -0.90 -8.13
N ASP A 318 -12.20 -1.68 -7.55
CA ASP A 318 -11.18 -2.40 -8.30
C ASP A 318 -11.60 -3.84 -8.47
N THR A 319 -11.63 -4.30 -9.73
CA THR A 319 -12.07 -5.66 -10.04
C THR A 319 -10.94 -6.65 -9.76
N ALA A 320 -10.52 -6.69 -8.49
CA ALA A 320 -9.50 -7.61 -8.03
C ALA A 320 -9.88 -8.36 -6.76
N ALA A 321 -10.82 -7.84 -5.96
CA ALA A 321 -11.29 -8.51 -4.76
C ALA A 321 -12.78 -8.83 -4.80
N GLY A 322 -13.51 -8.35 -5.80
CA GLY A 322 -14.94 -8.59 -5.89
C GLY A 322 -15.28 -10.06 -5.98
N ILE A 323 -16.23 -10.50 -5.17
CA ILE A 323 -16.72 -11.87 -5.17
C ILE A 323 -18.11 -11.85 -5.79
N ASN A 324 -18.25 -12.45 -6.97
CA ASN A 324 -19.53 -12.44 -7.65
C ASN A 324 -20.55 -13.24 -6.87
N VAL A 325 -21.75 -12.67 -6.70
CA VAL A 325 -22.84 -13.33 -6.00
C VAL A 325 -24.11 -13.19 -6.83
N ALA A 326 -25.04 -14.11 -6.59
CA ALA A 326 -26.28 -14.13 -7.36
C ALA A 326 -27.09 -12.86 -7.10
N GLU A 327 -27.80 -12.40 -8.13
CA GLU A 327 -28.64 -11.22 -7.99
C GLU A 327 -29.74 -11.43 -6.97
N GLN A 328 -30.06 -12.68 -6.64
CA GLN A 328 -31.03 -12.96 -5.59
C GLN A 328 -30.48 -12.69 -4.20
N SER A 329 -29.20 -12.35 -4.08
CA SER A 329 -28.62 -12.01 -2.78
C SER A 329 -28.98 -10.58 -2.41
N ARG A 330 -30.27 -10.26 -2.48
CA ARG A 330 -30.78 -8.97 -2.06
C ARG A 330 -32.01 -9.07 -1.19
N GLU A 331 -32.70 -10.22 -1.17
CA GLU A 331 -33.86 -10.40 -0.32
C GLU A 331 -33.50 -10.42 1.16
N CYS A 332 -32.21 -10.51 1.50
CA CYS A 332 -31.81 -10.47 2.90
C CYS A 332 -32.24 -9.16 3.55
N ASN A 333 -32.09 -8.04 2.83
CA ASN A 333 -32.47 -6.75 3.39
C ASN A 333 -33.98 -6.70 3.68
N ILE A 334 -34.79 -7.14 2.73
CA ILE A 334 -36.24 -7.12 2.93
C ILE A 334 -36.64 -8.08 4.03
N ASN A 335 -36.14 -9.31 3.97
CA ASN A 335 -36.42 -10.34 4.97
C ASN A 335 -35.15 -11.14 5.19
N ILE A 336 -34.74 -11.26 6.46
CA ILE A 336 -33.43 -11.84 6.74
C ILE A 336 -33.34 -13.27 6.25
N SER A 337 -34.38 -14.07 6.52
CA SER A 337 -34.35 -15.47 6.09
C SER A 337 -34.81 -15.62 4.65
N THR A 338 -36.07 -15.29 4.37
CA THR A 338 -36.66 -15.26 3.03
C THR A 338 -36.61 -16.61 2.31
N THR A 339 -36.05 -17.63 2.95
CA THR A 339 -36.11 -19.00 2.45
C THR A 339 -35.66 -19.14 1.00
N ASN A 340 -35.00 -18.12 0.44
CA ASN A 340 -34.57 -18.15 -0.95
C ASN A 340 -33.05 -18.09 -1.08
N TYR A 341 -32.41 -17.08 -0.52
CA TYR A 341 -30.95 -16.95 -0.57
C TYR A 341 -30.39 -17.03 0.84
N PRO A 342 -29.77 -18.14 1.23
CA PRO A 342 -29.21 -18.22 2.59
C PRO A 342 -28.25 -17.08 2.87
N CYS A 343 -28.63 -16.20 3.79
CA CYS A 343 -27.80 -15.05 4.14
C CYS A 343 -26.79 -15.45 5.21
N LYS A 344 -25.60 -14.87 5.13
CA LYS A 344 -24.51 -15.23 6.02
C LYS A 344 -24.68 -14.51 7.35
N VAL A 345 -25.05 -15.27 8.39
CA VAL A 345 -25.18 -14.74 9.74
C VAL A 345 -24.38 -15.65 10.68
N SER A 346 -24.00 -15.08 11.82
CA SER A 346 -23.19 -15.78 12.82
C SER A 346 -23.90 -15.67 14.17
N THR A 347 -24.66 -16.70 14.51
CA THR A 347 -25.35 -16.71 15.80
C THR A 347 -24.34 -16.76 16.94
N GLY A 348 -24.64 -16.03 18.01
CA GLY A 348 -23.79 -15.97 19.18
C GLY A 348 -24.57 -16.15 20.45
N ARG A 349 -23.85 -16.13 21.58
CA ARG A 349 -24.45 -16.29 22.89
C ARG A 349 -24.01 -15.23 23.90
N HIS A 350 -23.03 -14.39 23.57
CA HIS A 350 -22.53 -13.37 24.48
C HIS A 350 -22.73 -11.99 23.86
N PRO A 351 -23.28 -11.03 24.59
CA PRO A 351 -23.52 -9.71 24.00
C PRO A 351 -22.22 -9.01 23.63
N ILE A 352 -22.27 -8.23 22.56
CA ILE A 352 -21.15 -7.42 22.10
C ILE A 352 -21.62 -5.99 21.95
N SER A 353 -20.85 -5.04 22.48
CA SER A 353 -21.15 -3.63 22.39
C SER A 353 -20.13 -2.96 21.47
N MET A 354 -20.62 -2.29 20.44
CA MET A 354 -19.74 -1.69 19.43
C MET A 354 -20.50 -0.59 18.72
N VAL A 355 -19.75 0.22 17.97
CA VAL A 355 -20.30 1.30 17.17
C VAL A 355 -19.80 1.15 15.74
N ALA A 356 -20.71 1.13 14.78
CA ALA A 356 -20.39 1.04 13.37
C ALA A 356 -20.78 2.34 12.69
N LEU A 357 -19.84 2.91 11.94
CA LEU A 357 -20.03 4.21 11.30
C LEU A 357 -20.52 4.01 9.86
N SER A 358 -21.75 4.40 9.60
CA SER A 358 -22.33 4.37 8.27
C SER A 358 -22.00 5.65 7.51
N PRO A 359 -22.19 5.67 6.19
CA PRO A 359 -21.86 6.89 5.43
C PRO A 359 -22.59 8.13 5.90
N LEU A 360 -23.83 8.00 6.38
CA LEU A 360 -24.62 9.14 6.85
C LEU A 360 -25.20 8.84 8.23
N GLY A 361 -24.37 8.31 9.12
CA GLY A 361 -24.82 7.99 10.46
C GLY A 361 -23.93 6.93 11.07
N ALA A 362 -24.47 6.27 12.10
CA ALA A 362 -23.75 5.18 12.75
C ALA A 362 -24.74 4.30 13.49
N LEU A 363 -24.31 3.07 13.75
CA LEU A 363 -25.08 2.11 14.52
C LEU A 363 -24.46 1.99 15.91
N VAL A 364 -25.29 2.12 16.94
CA VAL A 364 -24.84 2.02 18.32
C VAL A 364 -25.57 0.85 18.97
N ALA A 365 -24.80 -0.14 19.41
CA ALA A 365 -25.34 -1.30 20.12
C ALA A 365 -24.53 -1.50 21.39
N CYS A 366 -25.22 -1.65 22.52
CA CYS A 366 -24.54 -1.84 23.79
C CYS A 366 -25.50 -2.48 24.78
N TYR A 367 -25.05 -3.53 25.45
CA TYR A 367 -25.89 -4.34 26.32
C TYR A 367 -25.17 -4.68 27.61
N LYS A 368 -25.91 -4.64 28.72
CA LYS A 368 -25.54 -5.33 29.96
C LYS A 368 -24.14 -4.90 30.44
N GLY A 369 -24.05 -3.63 30.83
CA GLY A 369 -22.90 -3.19 31.60
C GLY A 369 -22.29 -1.87 31.19
N VAL A 370 -22.31 -1.56 29.90
CA VAL A 370 -21.70 -0.34 29.37
C VAL A 370 -22.80 0.65 29.05
N SER A 371 -22.61 1.90 29.46
CA SER A 371 -23.62 2.93 29.29
C SER A 371 -23.37 3.70 27.99
N CYS A 372 -24.42 3.84 27.19
CA CYS A 372 -24.36 4.54 25.93
C CYS A 372 -24.91 5.96 26.08
N SER A 373 -24.41 6.87 25.26
CA SER A 373 -24.88 8.24 25.27
C SER A 373 -24.42 8.92 23.99
N ILE A 374 -25.26 9.81 23.48
CA ILE A 374 -24.98 10.58 22.26
C ILE A 374 -24.92 12.05 22.63
N GLY A 375 -23.87 12.72 22.19
CA GLY A 375 -23.68 14.12 22.50
C GLY A 375 -23.01 14.84 21.36
N SER A 376 -23.28 16.14 21.26
CA SER A 376 -22.70 16.99 20.24
C SER A 376 -21.65 17.91 20.86
N ASN A 377 -20.95 18.64 20.01
CA ASN A 377 -19.96 19.60 20.47
C ASN A 377 -20.58 20.78 21.22
N ARG A 378 -21.90 20.93 21.15
CA ARG A 378 -22.60 21.99 21.88
C ARG A 378 -23.06 21.51 23.25
N VAL A 379 -23.86 20.44 23.26
CA VAL A 379 -24.38 19.86 24.50
C VAL A 379 -24.14 18.35 24.45
N GLY A 380 -23.53 17.82 25.51
CA GLY A 380 -23.17 16.41 25.54
C GLY A 380 -24.10 15.54 26.37
N ILE A 381 -25.27 16.06 26.71
CA ILE A 381 -26.23 15.34 27.55
C ILE A 381 -27.53 15.17 26.79
N ILE A 382 -27.44 14.99 25.47
CA ILE A 382 -28.66 14.94 24.64
C ILE A 382 -29.60 13.87 25.16
N LYS A 383 -29.09 12.68 25.41
CA LYS A 383 -29.90 11.58 25.94
C LYS A 383 -28.97 10.40 26.23
N GLN A 384 -29.56 9.36 26.80
CA GLN A 384 -28.87 8.09 27.03
C GLN A 384 -29.56 7.03 26.19
N LEU A 385 -28.82 6.43 25.27
CA LEU A 385 -29.42 5.46 24.36
C LEU A 385 -29.95 4.26 25.16
N PRO A 386 -31.14 3.76 24.83
CA PRO A 386 -31.65 2.58 25.55
C PRO A 386 -30.89 1.32 25.15
N LYS A 387 -31.00 0.31 25.99
CA LYS A 387 -30.32 -0.96 25.76
C LYS A 387 -30.92 -1.61 24.51
N GLY A 388 -30.15 -1.62 23.43
CA GLY A 388 -30.63 -2.17 22.17
C GLY A 388 -29.81 -1.62 21.03
N CYS A 389 -30.23 -2.01 19.82
CA CYS A 389 -29.61 -1.51 18.59
C CYS A 389 -30.33 -0.25 18.15
N SER A 390 -29.62 0.88 18.12
CA SER A 390 -30.19 2.17 17.80
C SER A 390 -29.41 2.82 16.66
N TYR A 391 -30.14 3.51 15.78
CA TYR A 391 -29.55 4.20 14.64
C TYR A 391 -29.72 5.69 14.83
N ILE A 392 -28.61 6.43 14.77
CA ILE A 392 -28.59 7.87 15.02
C ILE A 392 -28.04 8.56 13.77
N THR A 393 -28.75 9.58 13.31
CA THR A 393 -28.34 10.28 12.10
C THR A 393 -27.03 11.04 12.34
N ASN A 394 -26.27 11.23 11.26
CA ASN A 394 -25.01 11.95 11.36
C ASN A 394 -25.23 13.37 11.84
N GLN A 395 -26.25 14.04 11.32
CA GLN A 395 -26.53 15.42 11.71
C GLN A 395 -27.25 15.52 13.04
N ASP A 396 -27.81 14.42 13.56
CA ASP A 396 -28.51 14.49 14.84
C ASP A 396 -27.53 14.59 15.99
N ALA A 397 -26.41 13.87 15.92
CA ALA A 397 -25.41 13.87 16.97
C ALA A 397 -24.02 13.81 16.35
N ASP A 398 -23.03 14.23 17.13
CA ASP A 398 -21.65 14.27 16.65
C ASP A 398 -20.72 13.29 17.36
N THR A 399 -20.99 12.94 18.60
CA THR A 399 -20.14 12.04 19.36
C THR A 399 -20.98 10.95 20.01
N VAL A 400 -20.41 9.75 20.10
CA VAL A 400 -21.02 8.61 20.74
C VAL A 400 -20.03 8.07 21.76
N THR A 401 -20.43 8.04 23.03
CA THR A 401 -19.57 7.63 24.13
C THR A 401 -20.00 6.26 24.61
N ILE A 402 -19.20 5.24 24.33
CA ILE A 402 -19.45 3.88 24.78
C ILE A 402 -18.55 3.67 25.98
N ASP A 403 -19.07 3.98 27.18
CA ASP A 403 -18.32 3.83 28.42
C ASP A 403 -17.02 4.64 28.38
N ASN A 404 -17.20 5.96 28.27
CA ASN A 404 -16.07 6.90 28.25
C ASN A 404 -15.15 6.63 27.07
N THR A 405 -15.72 6.72 25.86
CA THR A 405 -14.94 6.60 24.64
C THR A 405 -15.68 7.36 23.53
N VAL A 406 -15.26 8.60 23.29
CA VAL A 406 -15.89 9.39 22.23
C VAL A 406 -15.50 8.81 20.88
N TYR A 407 -16.45 8.85 19.93
CA TYR A 407 -16.26 8.19 18.64
C TYR A 407 -16.30 9.14 17.45
N GLN A 408 -16.76 10.38 17.61
CA GLN A 408 -16.65 11.40 16.57
C GLN A 408 -17.29 10.94 15.27
N LEU A 409 -18.61 10.81 15.31
CA LEU A 409 -19.38 10.39 14.14
C LEU A 409 -18.86 11.03 12.86
N SER A 410 -18.60 12.33 12.89
CA SER A 410 -18.18 13.07 11.71
C SER A 410 -16.84 13.77 11.97
N LYS A 411 -16.15 14.10 10.89
CA LYS A 411 -14.86 14.78 11.00
C LYS A 411 -15.02 16.11 11.71
N VAL A 412 -14.00 16.48 12.48
CA VAL A 412 -13.97 17.72 13.24
C VAL A 412 -13.01 18.68 12.55
N GLU A 413 -13.48 19.88 12.25
CA GLU A 413 -12.67 20.87 11.56
C GLU A 413 -11.73 21.57 12.52
N GLY A 414 -10.50 21.79 12.06
CA GLY A 414 -9.49 22.44 12.88
C GLY A 414 -9.31 23.91 12.56
N GLU A 415 -8.08 24.30 12.25
CA GLU A 415 -7.74 25.68 11.96
C GLU A 415 -7.23 25.80 10.53
N GLN A 416 -7.43 26.97 9.94
CA GLN A 416 -6.98 27.27 8.59
C GLN A 416 -5.78 28.19 8.64
N HIS A 417 -4.72 27.82 7.93
CA HIS A 417 -3.48 28.57 7.89
C HIS A 417 -3.24 29.09 6.47
N VAL A 418 -2.72 30.31 6.37
CA VAL A 418 -2.30 30.90 5.11
C VAL A 418 -0.83 31.24 5.23
N ILE A 419 -0.02 30.69 4.33
CA ILE A 419 1.43 30.81 4.39
C ILE A 419 1.93 31.34 3.05
N LYS A 420 2.81 32.34 3.11
CA LYS A 420 3.41 32.92 1.92
C LYS A 420 4.92 32.93 2.06
N GLY A 421 5.62 32.60 0.97
CA GLY A 421 7.06 32.58 1.00
C GLY A 421 7.66 33.97 0.98
N ARG A 422 8.92 34.05 1.36
CA ARG A 422 9.61 35.34 1.43
C ARG A 422 9.73 35.94 0.02
N PRO A 423 9.68 37.27 -0.09
CA PRO A 423 9.81 37.89 -1.41
C PRO A 423 11.22 37.78 -1.96
N VAL A 424 11.32 37.84 -3.28
CA VAL A 424 12.59 37.81 -4.00
C VAL A 424 12.79 39.17 -4.63
N SER A 425 13.90 39.83 -4.30
CA SER A 425 14.19 41.17 -4.80
C SER A 425 15.49 41.15 -5.59
N SER A 426 15.55 42.00 -6.61
CA SER A 426 16.74 42.07 -7.46
C SER A 426 17.96 42.47 -6.64
N SER A 427 19.06 41.78 -6.85
CA SER A 427 20.30 42.06 -6.15
C SER A 427 20.11 41.92 -4.64
N LEU B 1 6.32 -7.49 27.83
CA LEU B 1 6.44 -8.61 26.90
C LEU B 1 6.70 -9.90 27.65
N LYS B 2 5.79 -10.87 27.50
CA LYS B 2 5.89 -12.15 28.17
C LYS B 2 5.16 -13.18 27.33
N GLU B 3 5.90 -14.07 26.69
CA GLU B 3 5.33 -15.08 25.80
C GLU B 3 5.15 -16.39 26.57
N SER B 4 3.95 -16.94 26.49
CA SER B 4 3.61 -18.19 27.16
C SER B 4 3.29 -19.25 26.12
N TYR B 5 3.78 -20.46 26.34
CA TYR B 5 3.57 -21.58 25.43
C TYR B 5 2.43 -22.45 25.97
N LEU B 6 1.40 -22.64 25.16
CA LEU B 6 0.25 -23.45 25.52
C LEU B 6 0.37 -24.78 24.78
N GLU B 7 0.62 -25.86 25.53
CA GLU B 7 0.92 -27.14 24.94
C GLU B 7 -0.33 -27.95 24.55
N GLU B 8 -1.51 -27.54 25.02
CA GLU B 8 -2.73 -28.28 24.69
C GLU B 8 -3.26 -27.95 23.30
N SER B 9 -2.76 -26.88 22.67
CA SER B 9 -3.22 -26.51 21.34
C SER B 9 -2.09 -26.04 20.42
N CYS B 10 -0.84 -26.13 20.86
CA CYS B 10 0.31 -25.72 20.06
C CYS B 10 0.14 -24.27 19.59
N SER B 11 0.10 -23.37 20.56
CA SER B 11 -0.03 -21.94 20.29
C SER B 11 0.64 -21.17 21.40
N THR B 12 0.96 -19.91 21.11
CA THR B 12 1.63 -19.02 22.06
C THR B 12 0.90 -17.69 22.12
N ILE B 13 0.87 -17.11 23.32
CA ILE B 13 0.24 -15.83 23.58
C ILE B 13 1.28 -14.90 24.18
N THR B 14 1.43 -13.72 23.59
CA THR B 14 2.38 -12.70 24.06
C THR B 14 1.58 -11.51 24.55
N GLU B 15 1.47 -11.37 25.87
CA GLU B 15 0.65 -10.34 26.50
C GLU B 15 1.57 -9.38 27.26
N GLY B 16 2.07 -8.39 26.55
CA GLY B 16 2.85 -7.33 27.19
C GLY B 16 2.67 -5.98 26.54
N TYR B 17 1.72 -5.88 25.61
CA TYR B 17 1.55 -4.69 24.80
C TYR B 17 0.50 -3.75 25.40
N LEU B 18 0.48 -2.54 24.87
CA LEU B 18 -0.55 -1.54 25.17
C LEU B 18 -1.14 -1.05 23.86
N SER B 19 -2.44 -0.83 23.84
CA SER B 19 -3.16 -0.53 22.61
C SER B 19 -3.47 0.95 22.51
N VAL B 20 -3.32 1.50 21.30
CA VAL B 20 -3.76 2.84 20.97
C VAL B 20 -4.62 2.74 19.71
N LEU B 21 -5.83 3.29 19.77
CA LEU B 21 -6.81 3.13 18.70
C LEU B 21 -7.32 4.49 18.24
N ARG B 22 -7.68 4.54 16.97
CA ARG B 22 -8.21 5.76 16.37
C ARG B 22 -9.72 5.83 16.54
N THR B 23 -10.22 7.03 16.86
CA THR B 23 -11.65 7.23 17.10
C THR B 23 -12.12 8.50 16.41
N GLY B 24 -11.74 8.68 15.15
CA GLY B 24 -12.20 9.80 14.36
C GLY B 24 -11.09 10.34 13.50
N TRP B 25 -11.29 11.56 12.99
CA TRP B 25 -10.31 12.23 12.15
C TRP B 25 -10.34 13.71 12.43
N TYR B 26 -9.16 14.33 12.49
CA TYR B 26 -9.05 15.77 12.60
C TYR B 26 -8.97 16.36 11.19
N THR B 27 -8.75 17.67 11.09
CA THR B 27 -8.69 18.30 9.78
C THR B 27 -8.12 19.72 9.86
N ASN B 28 -7.16 20.02 9.00
CA ASN B 28 -6.62 21.37 8.86
C ASN B 28 -6.56 21.71 7.37
N VAL B 29 -6.70 23.00 7.07
CA VAL B 29 -6.67 23.50 5.70
C VAL B 29 -5.51 24.49 5.59
N PHE B 30 -4.68 24.29 4.58
CA PHE B 30 -3.50 25.12 4.36
C PHE B 30 -3.60 25.80 3.00
N THR B 31 -2.94 26.95 2.89
CA THR B 31 -2.92 27.72 1.65
C THR B 31 -1.52 28.29 1.47
N LEU B 32 -0.76 27.73 0.53
CA LEU B 32 0.62 28.12 0.28
C LEU B 32 0.69 28.98 -0.97
N GLU B 33 1.36 30.11 -0.88
CA GLU B 33 1.48 31.06 -1.98
C GLU B 33 2.91 31.10 -2.49
N VAL B 34 3.06 31.55 -3.74
CA VAL B 34 4.36 31.51 -4.40
C VAL B 34 5.24 32.66 -3.92
N GLY B 35 4.66 33.80 -3.57
CA GLY B 35 5.44 34.95 -3.13
C GLY B 35 5.79 35.88 -4.28
N ASP B 36 5.89 37.16 -3.96
CA ASP B 36 6.11 38.19 -4.96
C ASP B 36 7.54 38.12 -5.50
N VAL B 37 7.68 38.39 -6.80
CA VAL B 37 8.98 38.49 -7.45
C VAL B 37 9.08 39.88 -8.05
N GLU B 38 10.21 40.55 -7.78
CA GLU B 38 10.37 41.93 -8.21
C GLU B 38 10.29 42.04 -9.73
N ASN B 39 9.68 43.13 -10.20
CA ASN B 39 9.44 43.29 -11.63
C ASN B 39 10.75 43.35 -12.41
N LEU B 40 10.74 42.78 -13.60
CA LEU B 40 11.90 42.80 -14.48
C LEU B 40 11.76 43.93 -15.49
N THR B 41 12.86 44.66 -15.71
CA THR B 41 12.83 45.76 -16.66
C THR B 41 12.52 45.28 -18.07
N CYS B 42 13.15 44.19 -18.50
CA CYS B 42 12.90 43.65 -19.83
C CYS B 42 11.45 43.19 -19.96
N THR B 43 11.08 42.17 -19.18
CA THR B 43 9.71 41.69 -19.10
C THR B 43 9.30 40.88 -20.33
N ASP B 44 10.13 40.87 -21.36
CA ASP B 44 9.88 40.01 -22.52
C ASP B 44 11.24 39.65 -23.14
N CYS B 45 11.81 38.55 -22.67
CA CYS B 45 13.07 38.03 -23.18
C CYS B 45 13.46 36.76 -22.43
N PRO B 46 14.35 35.93 -22.98
CA PRO B 46 14.70 34.67 -22.31
C PRO B 46 15.69 34.91 -21.17
N SER B 47 15.22 34.68 -19.95
CA SER B 47 16.04 34.86 -18.76
C SER B 47 15.88 33.63 -17.85
N LEU B 48 16.91 33.39 -17.04
CA LEU B 48 16.88 32.21 -16.17
C LEU B 48 15.72 32.28 -15.19
N ILE B 49 15.46 33.47 -14.63
CA ILE B 49 14.34 33.60 -13.72
C ILE B 49 13.01 33.42 -14.44
N LYS B 50 12.89 34.01 -15.63
CA LYS B 50 11.64 33.89 -16.39
C LYS B 50 11.36 32.44 -16.74
N THR B 51 12.40 31.70 -17.14
CA THR B 51 12.20 30.27 -17.41
C THR B 51 11.78 29.53 -16.16
N GLU B 52 12.36 29.86 -15.01
CA GLU B 52 11.97 29.22 -13.76
C GLU B 52 10.54 29.55 -13.41
N LEU B 53 10.13 30.81 -13.61
CA LEU B 53 8.75 31.18 -13.34
C LEU B 53 7.78 30.42 -14.25
N ASP B 54 8.13 30.30 -15.54
CA ASP B 54 7.25 29.60 -16.46
C ASP B 54 7.08 28.15 -16.07
N LEU B 55 8.17 27.49 -15.65
CA LEU B 55 8.06 26.11 -15.21
C LEU B 55 7.14 25.98 -14.00
N THR B 56 7.27 26.91 -13.04
CA THR B 56 6.38 26.89 -11.89
C THR B 56 4.94 27.15 -12.30
N LYS B 57 4.72 28.10 -13.21
CA LYS B 57 3.36 28.36 -13.68
C LYS B 57 2.80 27.16 -14.41
N SER B 58 3.61 26.54 -15.27
CA SER B 58 3.14 25.37 -16.01
C SER B 58 2.86 24.20 -15.06
N ALA B 59 3.70 24.01 -14.06
CA ALA B 59 3.50 22.92 -13.11
C ALA B 59 2.19 23.07 -12.36
N LEU B 60 1.87 24.29 -11.93
CA LEU B 60 0.61 24.52 -11.24
C LEU B 60 -0.58 24.27 -12.16
N ARG B 61 -0.48 24.71 -13.42
CA ARG B 61 -1.59 24.52 -14.35
C ARG B 61 -1.88 23.04 -14.56
N GLU B 62 -0.83 22.23 -14.76
CA GLU B 62 -1.03 20.80 -14.89
C GLU B 62 -1.58 20.19 -13.61
N LEU B 63 -1.08 20.65 -12.46
CA LEU B 63 -1.54 20.12 -11.19
C LEU B 63 -3.01 20.43 -10.94
N LYS B 64 -3.55 21.47 -11.56
CA LYS B 64 -4.96 21.81 -11.35
C LYS B 64 -5.87 20.70 -11.84
N THR B 65 -5.42 19.91 -12.83
CA THR B 65 -6.24 18.83 -13.35
C THR B 65 -6.52 17.79 -12.27
N VAL B 66 -5.50 17.43 -11.49
CA VAL B 66 -5.66 16.47 -10.40
C VAL B 66 -6.04 17.27 -9.16
N SER B 67 -7.34 17.52 -9.01
CA SER B 67 -7.85 18.27 -7.87
C SER B 67 -9.05 17.55 -7.27
N ALA B 68 -9.70 18.18 -6.31
CA ALA B 68 -10.89 17.61 -5.68
C ALA B 68 -12.08 18.56 -5.68
N ASP B 69 -11.84 19.86 -5.54
CA ASP B 69 -12.95 20.81 -5.41
C ASP B 69 -13.54 21.18 -6.76
N GLN B 70 -12.73 21.78 -7.64
CA GLN B 70 -13.23 22.29 -8.91
C GLN B 70 -13.09 21.27 -10.02
N LEU B 71 -11.87 20.85 -10.32
CA LEU B 71 -11.58 19.93 -11.40
C LEU B 71 -11.44 18.51 -10.86
N ALA B 72 -12.07 17.56 -11.52
CA ALA B 72 -12.02 16.16 -11.11
C ALA B 72 -12.60 16.00 -9.71
N LYS B 163 21.90 35.22 -23.43
CA LYS B 163 22.05 36.36 -22.53
C LYS B 163 22.09 35.89 -21.07
N CYS B 164 23.28 35.96 -20.48
CA CYS B 164 23.50 35.55 -19.09
C CYS B 164 23.94 36.77 -18.29
N ASP B 165 23.30 36.99 -17.15
CA ASP B 165 23.62 38.10 -16.27
C ASP B 165 23.75 37.61 -14.84
N ILE B 166 24.59 38.29 -14.06
CA ILE B 166 24.81 37.88 -12.68
C ILE B 166 23.53 38.04 -11.87
N ALA B 167 22.77 39.10 -12.14
CA ALA B 167 21.53 39.33 -11.40
C ALA B 167 20.53 38.20 -11.62
N ASP B 168 20.42 37.72 -12.87
CA ASP B 168 19.45 36.67 -13.16
C ASP B 168 19.76 35.40 -12.38
N LEU B 169 21.03 35.04 -12.28
CA LEU B 169 21.39 33.82 -11.56
C LEU B 169 20.96 33.90 -10.09
N CYS B 170 21.14 35.07 -9.47
CA CYS B 170 20.76 35.22 -8.07
C CYS B 170 19.26 35.01 -7.89
N MET B 171 18.45 35.59 -8.77
CA MET B 171 17.00 35.38 -8.69
C MET B 171 16.65 33.92 -8.87
N ALA B 172 17.27 33.25 -9.84
CA ALA B 172 16.93 31.85 -10.10
C ALA B 172 17.23 30.98 -8.89
N VAL B 173 18.38 31.19 -8.25
CA VAL B 173 18.70 30.42 -7.06
C VAL B 173 17.82 30.85 -5.89
N SER B 174 17.66 32.16 -5.70
CA SER B 174 16.86 32.65 -4.58
C SER B 174 15.42 32.19 -4.68
N PHE B 175 14.85 32.17 -5.88
CA PHE B 175 13.47 31.76 -6.04
C PHE B 175 13.26 30.33 -5.54
N SER B 176 14.19 29.44 -5.84
CA SER B 176 14.06 28.04 -5.43
C SER B 176 14.45 27.82 -3.98
N GLN B 177 15.01 28.83 -3.30
CA GLN B 177 15.39 28.72 -1.89
C GLN B 177 14.30 29.25 -0.96
N PHE B 178 13.92 30.51 -1.14
CA PHE B 178 12.86 31.08 -0.31
C PHE B 178 11.56 30.31 -0.49
N ASN B 179 11.22 29.98 -1.74
CA ASN B 179 9.98 29.28 -2.05
C ASN B 179 10.28 27.78 -2.20
N ARG B 180 10.67 27.17 -1.08
CA ARG B 180 11.01 25.76 -1.05
C ARG B 180 9.88 24.89 -0.53
N ARG B 181 9.19 25.31 0.52
CA ARG B 181 8.07 24.54 1.04
C ARG B 181 6.99 24.44 -0.02
N PHE B 182 6.71 25.54 -0.72
CA PHE B 182 5.69 25.52 -1.76
C PHE B 182 6.05 24.54 -2.87
N LEU B 183 7.31 24.57 -3.32
CA LEU B 183 7.72 23.66 -4.39
C LEU B 183 7.64 22.21 -3.94
N ASN B 184 8.05 21.92 -2.71
CA ASN B 184 7.99 20.55 -2.22
C ASN B 184 6.56 20.04 -2.16
N VAL B 185 5.62 20.89 -1.72
CA VAL B 185 4.22 20.47 -1.67
C VAL B 185 3.72 20.21 -3.08
N VAL B 186 4.07 21.07 -4.04
CA VAL B 186 3.68 20.84 -5.43
C VAL B 186 4.31 19.55 -5.94
N ARG B 187 5.60 19.34 -5.64
CA ARG B 187 6.28 18.15 -6.12
C ARG B 187 5.65 16.88 -5.53
N GLN B 188 5.34 16.90 -4.23
CA GLN B 188 4.81 15.71 -3.59
C GLN B 188 3.43 15.36 -4.14
N PHE B 189 2.57 16.36 -4.35
CA PHE B 189 1.23 16.09 -4.86
C PHE B 189 1.29 15.58 -6.29
N SER B 190 2.17 16.15 -7.11
CA SER B 190 2.31 15.67 -8.49
C SER B 190 2.81 14.23 -8.51
N ASP B 191 3.77 13.90 -7.66
CA ASP B 191 4.34 12.55 -7.65
C ASP B 191 3.28 11.51 -7.32
N ASN B 192 2.43 11.78 -6.33
CA ASN B 192 1.40 10.85 -5.92
C ASN B 192 0.07 11.08 -6.66
N ALA B 193 0.00 12.10 -7.52
CA ALA B 193 -1.18 12.36 -8.33
C ALA B 193 -2.41 12.63 -7.46
N GLY B 194 -2.30 13.67 -6.62
CA GLY B 194 -3.45 14.18 -5.91
C GLY B 194 -3.39 14.10 -4.40
N ILE B 195 -2.91 12.99 -3.85
CA ILE B 195 -2.89 12.78 -2.41
C ILE B 195 -1.58 12.13 -2.01
N THR B 196 -0.98 12.61 -0.92
CA THR B 196 0.24 12.00 -0.42
C THR B 196 -0.10 10.87 0.57
N PRO B 197 0.65 9.77 0.54
CA PRO B 197 0.33 8.67 1.46
C PRO B 197 0.43 9.04 2.93
N ALA B 198 1.36 9.93 3.28
CA ALA B 198 1.57 10.31 4.67
C ALA B 198 1.86 11.80 4.74
N ILE B 199 1.72 12.36 5.94
CA ILE B 199 1.95 13.78 6.16
C ILE B 199 3.45 14.02 6.27
N SER B 200 4.08 14.37 5.15
CA SER B 200 5.51 14.64 5.14
C SER B 200 5.82 15.88 5.97
N LEU B 201 7.11 16.18 6.12
CA LEU B 201 7.52 17.41 6.80
C LEU B 201 7.69 18.54 5.80
N ASP B 202 6.71 18.68 4.91
CA ASP B 202 6.57 19.85 4.06
C ASP B 202 5.13 20.33 3.94
N LEU B 203 4.14 19.47 4.15
CA LEU B 203 2.76 19.90 4.22
C LEU B 203 2.47 20.59 5.55
N MET B 204 2.99 20.06 6.65
CA MET B 204 2.71 20.59 7.97
C MET B 204 3.95 20.37 8.84
N THR B 205 4.66 21.45 9.15
CA THR B 205 5.88 21.36 9.94
C THR B 205 5.56 20.88 11.35
N ASP B 206 6.61 20.65 12.13
CA ASP B 206 6.43 20.16 13.50
C ASP B 206 5.68 21.18 14.35
N ALA B 207 6.01 22.47 14.20
CA ALA B 207 5.35 23.49 15.01
C ALA B 207 3.85 23.49 14.76
N GLU B 208 3.43 23.35 13.50
CA GLU B 208 2.01 23.30 13.21
C GLU B 208 1.39 21.97 13.65
N LEU B 209 2.20 20.90 13.69
CA LEU B 209 1.67 19.61 14.13
C LEU B 209 1.42 19.60 15.63
N ALA B 210 2.36 20.11 16.43
CA ALA B 210 2.19 20.12 17.87
C ALA B 210 0.99 20.95 18.28
N ARG B 211 0.82 22.12 17.66
CA ARG B 211 -0.33 22.97 17.99
C ARG B 211 -1.64 22.28 17.63
N ALA B 212 -1.69 21.62 16.47
CA ALA B 212 -2.92 20.94 16.06
C ALA B 212 -3.29 19.83 17.03
N VAL B 213 -2.32 19.06 17.48
CA VAL B 213 -2.60 17.95 18.39
C VAL B 213 -3.19 18.47 19.70
N SER B 214 -2.62 19.56 20.23
CA SER B 214 -3.08 20.09 21.51
C SER B 214 -4.52 20.57 21.46
N TYR B 215 -5.06 20.85 20.27
CA TYR B 215 -6.43 21.32 20.13
C TYR B 215 -7.43 20.20 19.90
N MET B 216 -6.98 18.95 19.82
CA MET B 216 -7.89 17.86 19.52
C MET B 216 -8.85 17.64 20.68
N PRO B 217 -10.07 17.14 20.41
CA PRO B 217 -11.06 16.93 21.49
C PRO B 217 -10.87 15.60 22.21
N THR B 218 -9.77 15.50 22.95
CA THR B 218 -9.47 14.32 23.74
C THR B 218 -8.86 14.74 25.07
N SER B 219 -8.97 13.86 26.06
CA SER B 219 -8.45 14.15 27.38
C SER B 219 -6.95 14.40 27.31
N ALA B 220 -6.41 14.94 28.41
CA ALA B 220 -4.99 15.26 28.45
C ALA B 220 -4.12 14.02 28.30
N GLY B 221 -4.61 12.86 28.75
CA GLY B 221 -3.81 11.65 28.65
C GLY B 221 -3.50 11.27 27.21
N GLN B 222 -4.52 11.30 26.36
CA GLN B 222 -4.31 10.96 24.95
C GLN B 222 -3.39 11.97 24.26
N ILE B 223 -3.58 13.26 24.56
CA ILE B 223 -2.79 14.30 23.91
C ILE B 223 -1.32 14.13 24.26
N LYS B 224 -1.02 13.83 25.54
CA LYS B 224 0.37 13.67 25.94
C LYS B 224 1.03 12.53 25.19
N LEU B 225 0.33 11.41 25.02
CA LEU B 225 0.91 10.27 24.31
C LEU B 225 1.16 10.62 22.85
N MET B 226 0.22 11.32 22.21
CA MET B 226 0.38 11.63 20.79
C MET B 226 1.61 12.49 20.54
N LEU B 227 1.84 13.49 21.40
CA LEU B 227 3.03 14.33 21.25
C LEU B 227 4.30 13.53 21.48
N GLU B 228 4.27 12.55 22.38
CA GLU B 228 5.48 11.79 22.68
C GLU B 228 6.01 11.08 21.45
N ASN B 229 5.13 10.45 20.67
CA ASN B 229 5.50 9.76 19.44
C ASN B 229 4.62 10.31 18.32
N ARG B 230 5.07 11.40 17.71
CA ARG B 230 4.34 12.03 16.62
C ARG B 230 4.77 11.50 15.24
N ALA B 231 5.66 10.51 15.20
CA ALA B 231 6.00 9.88 13.93
C ALA B 231 4.91 8.93 13.45
N MET B 232 3.97 8.57 14.32
CA MET B 232 2.89 7.67 13.93
C MET B 232 1.65 8.42 13.45
N VAL B 233 1.37 9.60 14.02
CA VAL B 233 0.25 10.40 13.52
C VAL B 233 0.53 10.84 12.09
N ARG B 234 1.77 11.24 11.80
CA ARG B 234 2.13 11.59 10.44
C ARG B 234 1.99 10.41 9.50
N ARG B 235 2.40 9.22 9.94
CA ARG B 235 2.35 8.04 9.09
C ARG B 235 0.95 7.47 8.97
N LYS B 236 0.02 7.86 9.85
CA LYS B 236 -1.35 7.36 9.79
C LYS B 236 -2.30 8.31 9.08
N GLY B 237 -1.94 9.58 8.92
CA GLY B 237 -2.74 10.53 8.19
C GLY B 237 -2.43 10.50 6.70
N PHE B 238 -3.01 11.45 5.99
CA PHE B 238 -2.79 11.56 4.55
C PHE B 238 -3.28 12.91 4.06
N GLY B 239 -2.44 13.61 3.31
CA GLY B 239 -2.84 14.90 2.78
C GLY B 239 -3.71 14.76 1.55
N ILE B 240 -4.62 15.71 1.38
CA ILE B 240 -5.56 15.74 0.26
C ILE B 240 -5.50 17.11 -0.39
N LEU B 241 -5.40 17.13 -1.72
CA LEU B 241 -5.36 18.38 -2.47
C LEU B 241 -6.78 18.84 -2.77
N ILE B 242 -7.11 20.06 -2.37
CA ILE B 242 -8.45 20.60 -2.56
C ILE B 242 -8.54 21.21 -3.96
N GLY B 243 -7.70 22.19 -4.24
CA GLY B 243 -7.73 22.84 -5.54
C GLY B 243 -6.59 23.82 -5.66
N VAL B 244 -6.47 24.39 -6.87
CA VAL B 244 -5.45 25.38 -7.17
C VAL B 244 -6.14 26.60 -7.76
N TYR B 245 -5.88 27.77 -7.16
CA TYR B 245 -6.42 29.03 -7.64
C TYR B 245 -5.28 30.04 -7.76
N GLY B 246 -5.18 30.68 -8.92
CA GLY B 246 -4.12 31.64 -9.15
C GLY B 246 -2.74 31.03 -8.99
N SER B 247 -2.00 31.47 -7.97
CA SER B 247 -0.66 30.95 -7.69
C SER B 247 -0.57 30.30 -6.32
N SER B 248 -1.71 29.94 -5.72
CA SER B 248 -1.75 29.32 -4.41
C SER B 248 -2.27 27.89 -4.52
N VAL B 249 -2.00 27.11 -3.48
CA VAL B 249 -2.41 25.71 -3.42
C VAL B 249 -3.13 25.49 -2.09
N ILE B 250 -4.28 24.82 -2.14
CA ILE B 250 -5.08 24.52 -0.96
C ILE B 250 -5.17 23.02 -0.79
N TYR B 251 -4.85 22.54 0.41
CA TYR B 251 -4.87 21.10 0.67
C TYR B 251 -5.28 20.84 2.10
N MET B 252 -5.66 19.60 2.37
CA MET B 252 -6.11 19.16 3.68
C MET B 252 -5.20 18.06 4.19
N VAL B 253 -5.01 18.01 5.51
CA VAL B 253 -4.08 17.07 6.12
C VAL B 253 -4.81 15.87 6.73
N GLN B 254 -5.92 16.10 7.43
CA GLN B 254 -6.74 15.03 7.99
C GLN B 254 -5.92 14.16 8.95
N LEU B 255 -5.51 14.78 10.06
CA LEU B 255 -4.73 14.09 11.07
C LEU B 255 -5.58 13.03 11.76
N PRO B 256 -4.95 11.93 12.22
CA PRO B 256 -5.69 10.95 13.02
C PRO B 256 -5.91 11.44 14.44
N ILE B 257 -6.90 10.85 15.10
CA ILE B 257 -7.23 11.17 16.48
C ILE B 257 -7.30 9.86 17.26
N PHE B 258 -6.60 9.81 18.38
CA PHE B 258 -6.55 8.62 19.22
C PHE B 258 -7.36 8.88 20.49
N GLY B 259 -8.28 7.97 20.80
CA GLY B 259 -9.18 8.14 21.93
C GLY B 259 -9.02 7.09 23.00
N VAL B 260 -8.59 5.90 22.61
CA VAL B 260 -8.38 4.78 23.53
C VAL B 260 -6.89 4.47 23.56
N ILE B 261 -6.30 4.56 24.76
CA ILE B 261 -4.87 4.31 24.93
C ILE B 261 -4.65 3.48 26.18
N ASP B 262 -3.48 2.83 26.22
CA ASP B 262 -3.03 2.11 27.41
C ASP B 262 -4.07 1.08 27.87
N THR B 263 -4.64 0.36 26.91
CA THR B 263 -5.51 -0.77 27.22
C THR B 263 -4.77 -2.06 26.94
N PRO B 264 -4.44 -2.88 27.95
CA PRO B 264 -3.56 -4.01 27.70
C PRO B 264 -4.14 -4.97 26.67
N CYS B 265 -3.26 -5.57 25.87
CA CYS B 265 -3.68 -6.58 24.91
C CYS B 265 -2.48 -7.40 24.46
N TRP B 266 -2.75 -8.40 23.62
CA TRP B 266 -1.81 -9.47 23.34
C TRP B 266 -1.89 -9.88 21.87
N ILE B 267 -1.13 -10.90 21.52
CA ILE B 267 -1.14 -11.50 20.17
C ILE B 267 -1.06 -13.01 20.32
N ILE B 268 -1.80 -13.73 19.49
CA ILE B 268 -1.89 -15.18 19.55
C ILE B 268 -1.38 -15.77 18.25
N LYS B 269 -0.49 -16.75 18.35
CA LYS B 269 0.03 -17.49 17.20
C LYS B 269 -0.14 -18.98 17.46
N ALA B 270 -0.55 -19.71 16.42
CA ALA B 270 -0.86 -21.13 16.56
C ALA B 270 -0.24 -21.90 15.39
N ALA B 271 0.04 -23.17 15.63
CA ALA B 271 0.58 -24.08 14.64
C ALA B 271 -0.14 -25.41 14.77
N PRO B 272 -0.13 -26.23 13.72
CA PRO B 272 -0.84 -27.51 13.77
C PRO B 272 -0.31 -28.41 14.88
N SER B 273 -1.22 -29.17 15.48
CA SER B 273 -0.89 -30.14 16.53
C SER B 273 -1.56 -31.45 16.16
N CYS B 274 -0.82 -32.34 15.52
CA CYS B 274 -1.35 -33.60 15.00
C CYS B 274 -0.88 -34.76 15.87
N SER B 275 -1.82 -35.57 16.32
CA SER B 275 -1.52 -36.79 17.04
C SER B 275 -1.34 -37.94 16.05
N GLU B 276 -1.16 -39.15 16.55
CA GLU B 276 -0.97 -40.31 15.68
C GLU B 276 -1.23 -41.58 16.47
N LYS B 277 -1.90 -42.53 15.84
CA LYS B 277 -2.19 -43.83 16.44
C LYS B 277 -1.46 -44.95 15.72
N ASP B 278 -1.66 -45.08 14.40
CA ASP B 278 -0.94 -46.09 13.62
C ASP B 278 -0.58 -45.59 12.23
N GLY B 279 -0.75 -44.29 11.95
CA GLY B 279 -0.54 -43.75 10.62
C GLY B 279 -1.64 -42.78 10.23
N ASN B 280 -2.78 -42.89 10.89
CA ASN B 280 -3.89 -41.97 10.69
C ASN B 280 -3.76 -40.82 11.67
N TYR B 281 -3.56 -39.62 11.15
CA TYR B 281 -3.32 -38.44 11.97
C TYR B 281 -4.62 -37.70 12.26
N ALA B 282 -4.53 -36.75 13.20
CA ALA B 282 -5.68 -35.91 13.55
C ALA B 282 -5.13 -34.53 13.92
N CYS B 283 -5.11 -33.63 12.95
CA CYS B 283 -4.53 -32.31 13.12
C CYS B 283 -5.57 -31.32 13.61
N LEU B 284 -5.20 -30.52 14.59
CA LEU B 284 -6.04 -29.45 15.13
C LEU B 284 -5.26 -28.14 15.04
N LEU B 285 -5.72 -27.23 14.18
CA LEU B 285 -5.08 -25.93 14.00
C LEU B 285 -6.07 -24.84 14.36
N ARG B 286 -5.66 -23.92 15.22
CA ARG B 286 -6.52 -22.84 15.65
C ARG B 286 -6.62 -21.78 14.55
N GLU B 287 -7.84 -21.41 14.20
CA GLU B 287 -8.07 -20.37 13.21
C GLU B 287 -8.22 -18.98 13.83
N ASP B 288 -8.22 -18.89 15.16
CA ASP B 288 -8.31 -17.59 15.84
C ASP B 288 -6.90 -17.02 16.05
N GLN B 289 -6.20 -16.83 14.93
CA GLN B 289 -4.81 -16.40 14.91
C GLN B 289 -4.73 -14.95 14.45
N GLY B 290 -3.96 -14.14 15.16
CA GLY B 290 -3.77 -12.75 14.83
C GLY B 290 -3.69 -11.91 16.09
N TRP B 291 -3.97 -10.63 15.92
CA TRP B 291 -3.96 -9.71 17.06
C TRP B 291 -5.24 -9.82 17.86
N TYR B 292 -5.22 -9.26 19.07
CA TYR B 292 -6.37 -9.31 19.96
C TYR B 292 -6.20 -8.17 20.96
N CYS B 293 -7.06 -7.16 20.89
CA CYS B 293 -6.99 -6.06 21.84
C CYS B 293 -8.38 -5.70 22.33
N LYS B 294 -8.44 -5.08 23.50
CA LYS B 294 -9.66 -4.85 24.24
C LYS B 294 -9.98 -3.37 24.30
N ASN B 295 -11.27 -3.04 24.25
CA ASN B 295 -11.71 -1.65 24.35
C ASN B 295 -13.23 -1.62 24.46
N ALA B 296 -13.73 -0.66 25.25
CA ALA B 296 -15.16 -0.36 25.33
C ALA B 296 -15.98 -1.62 25.61
N GLY B 297 -15.53 -2.39 26.59
CA GLY B 297 -16.26 -3.60 26.96
C GLY B 297 -16.36 -4.60 25.84
N SER B 298 -15.32 -4.72 25.02
CA SER B 298 -15.30 -5.68 23.93
C SER B 298 -13.86 -5.85 23.48
N THR B 299 -13.62 -6.92 22.72
CA THR B 299 -12.30 -7.25 22.22
C THR B 299 -12.32 -7.23 20.69
N VAL B 300 -11.33 -6.59 20.09
CA VAL B 300 -11.22 -6.52 18.64
C VAL B 300 -10.24 -7.60 18.19
N TYR B 301 -10.36 -7.99 16.92
CA TYR B 301 -9.69 -9.16 16.36
C TYR B 301 -9.03 -8.83 15.02
N TYR B 302 -8.22 -7.78 14.99
CA TYR B 302 -7.42 -7.54 13.79
C TYR B 302 -6.73 -8.84 13.40
N PRO B 303 -7.14 -9.48 12.30
CA PRO B 303 -6.63 -10.84 12.03
C PRO B 303 -5.29 -10.88 11.31
N ASN B 304 -4.79 -9.75 10.80
CA ASN B 304 -3.54 -9.70 10.07
C ASN B 304 -2.47 -9.06 10.94
N ASP B 305 -1.31 -9.71 11.03
CA ASP B 305 -0.21 -9.15 11.82
C ASP B 305 0.25 -7.81 11.27
N LYS B 306 0.12 -7.61 9.96
CA LYS B 306 0.53 -6.35 9.35
C LYS B 306 -0.44 -5.21 9.60
N ASP B 307 -1.67 -5.53 10.05
CA ASP B 307 -2.65 -4.47 10.29
C ASP B 307 -2.18 -3.55 11.41
N CYS B 308 -1.62 -4.11 12.48
CA CYS B 308 -1.21 -3.34 13.64
C CYS B 308 0.31 -3.19 13.64
N GLU B 309 0.78 -1.95 13.68
CA GLU B 309 2.21 -1.69 13.80
C GLU B 309 2.63 -1.78 15.26
N THR B 310 3.95 -1.80 15.47
CA THR B 310 4.52 -1.89 16.81
C THR B 310 5.59 -0.82 16.98
N ARG B 311 5.57 -0.15 18.13
CA ARG B 311 6.54 0.88 18.48
C ARG B 311 7.02 0.67 19.90
N GLY B 312 7.38 -0.57 20.22
CA GLY B 312 7.76 -0.93 21.57
C GLY B 312 6.61 -1.63 22.29
N ASP B 313 6.22 -1.11 23.46
CA ASP B 313 5.04 -1.60 24.16
C ASP B 313 3.80 -0.79 23.77
N HIS B 314 3.59 -0.66 22.46
CA HIS B 314 2.46 0.07 21.93
C HIS B 314 2.12 -0.47 20.55
N VAL B 315 0.86 -0.81 20.32
CA VAL B 315 0.39 -1.30 19.03
C VAL B 315 -0.57 -0.26 18.47
N PHE B 316 -0.22 0.30 17.31
CA PHE B 316 -1.02 1.35 16.69
C PHE B 316 -1.97 0.70 15.67
N CYS B 317 -2.95 0.00 16.21
CA CYS B 317 -3.94 -0.67 15.38
C CYS B 317 -4.85 0.34 14.69
N ASP B 318 -5.35 -0.03 13.51
CA ASP B 318 -6.27 0.80 12.74
C ASP B 318 -7.68 0.23 12.85
N THR B 319 -8.62 1.08 13.23
CA THR B 319 -10.01 0.64 13.40
C THR B 319 -10.71 0.60 12.04
N ALA B 320 -10.17 -0.26 11.17
CA ALA B 320 -10.74 -0.49 9.84
C ALA B 320 -10.90 -1.95 9.49
N ALA B 321 -10.16 -2.86 10.14
CA ALA B 321 -10.29 -4.29 9.91
C ALA B 321 -10.64 -5.07 11.16
N GLY B 322 -10.64 -4.45 12.33
CA GLY B 322 -10.93 -5.14 13.57
C GLY B 322 -12.32 -5.74 13.58
N ILE B 323 -12.42 -6.99 14.00
CA ILE B 323 -13.69 -7.70 14.14
C ILE B 323 -14.00 -7.82 15.62
N ASN B 324 -15.05 -7.15 16.07
CA ASN B 324 -15.41 -7.17 17.47
C ASN B 324 -15.84 -8.58 17.88
N VAL B 325 -15.31 -9.06 19.01
CA VAL B 325 -15.65 -10.37 19.54
C VAL B 325 -15.93 -10.22 21.03
N ALA B 326 -16.69 -11.17 21.57
CA ALA B 326 -17.08 -11.12 22.97
C ALA B 326 -15.86 -11.24 23.87
N GLU B 327 -15.91 -10.55 25.01
CA GLU B 327 -14.82 -10.63 25.98
C GLU B 327 -14.67 -12.03 26.54
N GLN B 328 -15.69 -12.88 26.39
CA GLN B 328 -15.57 -14.28 26.78
C GLN B 328 -14.68 -15.07 25.83
N SER B 329 -14.24 -14.48 24.71
CA SER B 329 -13.37 -15.18 23.78
C SER B 329 -11.93 -15.14 24.27
N ARG B 330 -11.74 -15.56 25.52
CA ARG B 330 -10.40 -15.72 26.10
C ARG B 330 -10.21 -17.05 26.81
N GLU B 331 -11.29 -17.76 27.14
CA GLU B 331 -11.18 -19.07 27.75
C GLU B 331 -10.56 -20.10 26.80
N CYS B 332 -10.47 -19.79 25.50
CA CYS B 332 -9.84 -20.72 24.58
C CYS B 332 -8.38 -20.98 24.97
N ASN B 333 -7.66 -19.93 25.36
CA ASN B 333 -6.27 -20.11 25.77
C ASN B 333 -6.16 -21.00 27.00
N ILE B 334 -6.98 -20.74 28.01
CA ILE B 334 -6.96 -21.55 29.23
C ILE B 334 -7.38 -22.98 28.92
N ASN B 335 -8.46 -23.13 28.16
CA ASN B 335 -8.98 -24.44 27.78
C ASN B 335 -9.58 -24.32 26.39
N ILE B 336 -9.09 -25.13 25.45
CA ILE B 336 -9.46 -24.93 24.05
C ILE B 336 -10.97 -25.08 23.86
N SER B 337 -11.57 -26.11 24.47
CA SER B 337 -13.00 -26.33 24.30
C SER B 337 -13.80 -25.47 25.27
N THR B 338 -13.66 -25.75 26.57
CA THR B 338 -14.24 -24.96 27.66
C THR B 338 -15.76 -24.87 27.61
N THR B 339 -16.38 -25.50 26.61
CA THR B 339 -17.84 -25.63 26.54
C THR B 339 -18.56 -24.30 26.74
N ASN B 340 -17.86 -23.19 26.62
CA ASN B 340 -18.44 -21.87 26.88
C ASN B 340 -18.42 -20.96 25.67
N TYR B 341 -17.25 -20.75 25.06
CA TYR B 341 -17.12 -19.92 23.87
C TYR B 341 -16.60 -20.77 22.73
N PRO B 342 -17.41 -21.15 21.74
CA PRO B 342 -16.91 -21.97 20.64
C PRO B 342 -15.71 -21.33 19.96
N CYS B 343 -14.53 -21.96 20.09
CA CYS B 343 -13.32 -21.46 19.48
C CYS B 343 -13.17 -22.00 18.07
N LYS B 344 -12.55 -21.20 17.20
CA LYS B 344 -12.43 -21.54 15.79
C LYS B 344 -11.23 -22.46 15.59
N VAL B 345 -11.50 -23.73 15.29
CA VAL B 345 -10.48 -24.72 14.99
C VAL B 345 -10.83 -25.40 13.69
N SER B 346 -9.82 -25.98 13.06
CA SER B 346 -9.97 -26.65 11.76
C SER B 346 -9.36 -28.04 11.86
N THR B 347 -10.19 -29.04 12.14
CA THR B 347 -9.70 -30.40 12.24
C THR B 347 -9.20 -30.88 10.88
N GLY B 348 -8.08 -31.61 10.90
CA GLY B 348 -7.48 -32.14 9.69
C GLY B 348 -7.20 -33.62 9.84
N ARG B 349 -6.66 -34.20 8.76
CA ARG B 349 -6.31 -35.61 8.73
C ARG B 349 -4.93 -35.88 8.15
N HIS B 350 -4.22 -34.86 7.67
CA HIS B 350 -2.91 -35.02 7.09
C HIS B 350 -1.91 -34.14 7.82
N PRO B 351 -0.77 -34.69 8.25
CA PRO B 351 0.20 -33.87 8.99
C PRO B 351 0.75 -32.73 8.14
N ILE B 352 1.02 -31.61 8.80
CA ILE B 352 1.61 -30.43 8.17
C ILE B 352 2.84 -30.04 8.97
N SER B 353 3.95 -29.81 8.28
CA SER B 353 5.20 -29.38 8.91
C SER B 353 5.46 -27.93 8.52
N MET B 354 5.57 -27.06 9.52
CA MET B 354 5.74 -25.64 9.26
C MET B 354 6.36 -24.99 10.49
N VAL B 355 6.87 -23.78 10.29
CA VAL B 355 7.47 -22.98 11.35
C VAL B 355 6.76 -21.64 11.42
N ALA B 356 6.28 -21.28 12.60
CA ALA B 356 5.61 -20.01 12.84
C ALA B 356 6.46 -19.16 13.76
N LEU B 357 6.72 -17.92 13.37
CA LEU B 357 7.56 -17.02 14.13
C LEU B 357 6.73 -16.19 15.10
N SER B 358 7.14 -16.17 16.35
CA SER B 358 6.50 -15.42 17.41
C SER B 358 7.32 -14.18 17.75
N PRO B 359 6.74 -13.23 18.52
CA PRO B 359 7.50 -12.02 18.86
C PRO B 359 8.81 -12.31 19.58
N LEU B 360 8.85 -13.35 20.42
CA LEU B 360 10.04 -13.71 21.17
C LEU B 360 10.33 -15.21 21.03
N GLY B 361 10.22 -15.72 19.82
CA GLY B 361 10.48 -17.14 19.59
C GLY B 361 9.86 -17.59 18.29
N ALA B 362 9.70 -18.90 18.17
CA ALA B 362 9.08 -19.49 16.99
C ALA B 362 8.56 -20.87 17.33
N LEU B 363 7.49 -21.27 16.66
CA LEU B 363 6.89 -22.58 16.84
C LEU B 363 7.38 -23.50 15.73
N VAL B 364 7.92 -24.65 16.10
CA VAL B 364 8.45 -25.62 15.16
C VAL B 364 7.62 -26.90 15.28
N ALA B 365 6.91 -27.25 14.23
CA ALA B 365 6.13 -28.47 14.17
C ALA B 365 6.45 -29.20 12.88
N CYS B 366 6.81 -30.48 13.00
CA CYS B 366 7.12 -31.28 11.82
C CYS B 366 6.87 -32.75 12.14
N TYR B 367 6.26 -33.46 11.19
CA TYR B 367 5.82 -34.83 11.41
C TYR B 367 6.12 -35.68 10.19
N LYS B 368 6.61 -36.89 10.44
CA LYS B 368 6.55 -38.00 9.48
C LYS B 368 7.23 -37.63 8.16
N GLY B 369 8.55 -37.45 8.24
CA GLY B 369 9.35 -37.42 7.02
C GLY B 369 10.41 -36.35 6.95
N VAL B 370 10.15 -35.17 7.52
CA VAL B 370 11.06 -34.03 7.43
C VAL B 370 11.79 -33.90 8.76
N SER B 371 13.12 -33.77 8.69
CA SER B 371 13.95 -33.66 9.88
C SER B 371 14.03 -32.21 10.35
N CYS B 372 13.90 -32.02 11.66
CA CYS B 372 13.95 -30.70 12.27
C CYS B 372 15.18 -30.59 13.16
N SER B 373 15.79 -29.42 13.16
CA SER B 373 16.95 -29.17 14.01
C SER B 373 17.07 -27.67 14.25
N ILE B 374 17.59 -27.32 15.43
CA ILE B 374 17.79 -25.93 15.83
C ILE B 374 19.29 -25.67 15.86
N GLY B 375 19.70 -24.58 15.22
CA GLY B 375 21.11 -24.23 15.17
C GLY B 375 21.29 -22.73 15.27
N SER B 376 22.46 -22.34 15.75
CA SER B 376 22.83 -20.93 15.89
C SER B 376 23.98 -20.61 14.94
N ASN B 377 24.33 -19.33 14.89
CA ASN B 377 25.45 -18.90 14.06
C ASN B 377 26.79 -19.38 14.60
N ARG B 378 26.83 -19.92 15.81
CA ARG B 378 28.05 -20.46 16.39
C ARG B 378 28.16 -21.96 16.13
N VAL B 379 27.16 -22.74 16.57
CA VAL B 379 27.13 -24.18 16.38
C VAL B 379 25.74 -24.55 15.84
N GLY B 380 25.71 -25.33 14.77
CA GLY B 380 24.46 -25.68 14.13
C GLY B 380 23.98 -27.09 14.41
N ILE B 381 24.55 -27.72 15.44
CA ILE B 381 24.22 -29.11 15.77
C ILE B 381 23.70 -29.16 17.20
N ILE B 382 22.99 -28.12 17.63
CA ILE B 382 22.54 -28.04 19.01
C ILE B 382 21.74 -29.29 19.39
N LYS B 383 20.78 -29.65 18.55
CA LYS B 383 19.98 -30.86 18.76
C LYS B 383 19.05 -31.03 17.57
N GLN B 384 18.35 -32.16 17.54
CA GLN B 384 17.33 -32.45 16.55
C GLN B 384 15.98 -32.45 17.26
N LEU B 385 15.09 -31.57 16.84
CA LEU B 385 13.81 -31.44 17.51
C LEU B 385 13.02 -32.74 17.38
N PRO B 386 12.38 -33.20 18.45
CA PRO B 386 11.58 -34.43 18.36
C PRO B 386 10.32 -34.21 17.56
N LYS B 387 9.75 -35.32 17.09
CA LYS B 387 8.54 -35.28 16.28
C LYS B 387 7.39 -34.76 17.13
N GLY B 388 6.96 -33.54 16.86
CA GLY B 388 5.88 -32.94 17.62
C GLY B 388 5.95 -31.42 17.52
N CYS B 389 5.09 -30.78 18.31
CA CYS B 389 5.05 -29.32 18.39
C CYS B 389 5.98 -28.87 19.51
N SER B 390 7.01 -28.11 19.17
CA SER B 390 8.02 -27.67 20.12
C SER B 390 8.17 -26.16 20.04
N TYR B 391 8.39 -25.53 21.19
CA TYR B 391 8.56 -24.09 21.29
C TYR B 391 10.00 -23.78 21.68
N ILE B 392 10.66 -22.94 20.89
CA ILE B 392 12.07 -22.60 21.09
C ILE B 392 12.18 -21.09 21.27
N THR B 393 12.94 -20.68 22.28
CA THR B 393 13.07 -19.26 22.58
C THR B 393 13.91 -18.57 21.52
N ASN B 394 13.68 -17.26 21.36
CA ASN B 394 14.42 -16.50 20.36
C ASN B 394 15.92 -16.52 20.65
N GLN B 395 16.30 -16.34 21.91
CA GLN B 395 17.71 -16.30 22.27
C GLN B 395 18.31 -17.69 22.45
N ASP B 396 17.49 -18.74 22.52
CA ASP B 396 18.03 -20.09 22.65
C ASP B 396 18.63 -20.58 21.33
N ALA B 397 17.97 -20.28 20.21
CA ALA B 397 18.43 -20.70 18.90
C ALA B 397 18.14 -19.59 17.90
N ASP B 398 18.89 -19.61 16.80
CA ASP B 398 18.77 -18.57 15.77
C ASP B 398 18.20 -19.07 14.46
N THR B 399 18.42 -20.33 14.09
CA THR B 399 17.94 -20.86 12.84
C THR B 399 17.32 -22.24 13.06
N VAL B 400 16.23 -22.50 12.36
CA VAL B 400 15.58 -23.81 12.36
C VAL B 400 15.52 -24.30 10.92
N THR B 401 16.03 -25.51 10.68
CA THR B 401 16.12 -26.07 9.34
C THR B 401 15.04 -27.14 9.19
N ILE B 402 14.01 -26.83 8.42
CA ILE B 402 12.93 -27.78 8.13
C ILE B 402 13.30 -28.42 6.80
N ASP B 403 14.06 -29.51 6.87
CA ASP B 403 14.50 -30.23 5.67
C ASP B 403 15.30 -29.31 4.74
N ASN B 404 16.43 -28.83 5.27
CA ASN B 404 17.35 -27.96 4.52
C ASN B 404 16.65 -26.67 4.11
N THR B 405 16.19 -25.91 5.11
CA THR B 405 15.60 -24.61 4.89
C THR B 405 15.77 -23.79 6.17
N VAL B 406 16.79 -22.94 6.20
CA VAL B 406 17.02 -22.08 7.36
C VAL B 406 15.93 -21.01 7.42
N TYR B 407 15.55 -20.64 8.64
CA TYR B 407 14.44 -19.72 8.84
C TYR B 407 14.80 -18.44 9.59
N GLN B 408 15.95 -18.38 10.26
CA GLN B 408 16.46 -17.14 10.83
C GLN B 408 15.45 -16.53 11.81
N LEU B 409 15.27 -17.25 12.93
CA LEU B 409 14.35 -16.79 13.98
C LEU B 409 14.43 -15.28 14.19
N SER B 410 15.64 -14.73 14.25
CA SER B 410 15.83 -13.31 14.50
C SER B 410 16.63 -12.69 13.36
N LYS B 411 16.57 -11.36 13.28
CA LYS B 411 17.29 -10.64 12.24
C LYS B 411 18.80 -10.83 12.39
N VAL B 412 19.50 -10.76 11.26
CA VAL B 412 20.94 -10.92 11.22
C VAL B 412 21.56 -9.58 10.87
N GLU B 413 22.54 -9.15 11.66
CA GLU B 413 23.19 -7.87 11.46
C GLU B 413 24.28 -7.98 10.38
N GLY B 414 24.36 -6.97 9.52
CA GLY B 414 25.33 -6.95 8.46
C GLY B 414 26.53 -6.10 8.76
N GLU B 415 26.80 -5.12 7.89
CA GLU B 415 27.94 -4.24 8.03
C GLU B 415 27.47 -2.80 8.21
N GLN B 416 28.29 -2.00 8.88
CA GLN B 416 28.02 -0.59 9.11
C GLN B 416 28.92 0.25 8.21
N HIS B 417 28.32 1.20 7.50
CA HIS B 417 29.06 2.07 6.58
C HIS B 417 28.95 3.52 7.05
N VAL B 418 30.00 4.29 6.75
CA VAL B 418 30.03 5.72 7.02
C VAL B 418 30.47 6.41 5.73
N ILE B 419 29.62 7.28 5.21
CA ILE B 419 29.87 7.97 3.94
C ILE B 419 29.77 9.46 4.17
N LYS B 420 30.75 10.21 3.64
CA LYS B 420 30.77 11.66 3.73
C LYS B 420 30.93 12.26 2.35
N GLY B 421 30.20 13.33 2.07
CA GLY B 421 30.30 13.99 0.79
C GLY B 421 31.58 14.78 0.65
N ARG B 422 31.91 15.10 -0.60
CA ARG B 422 33.14 15.81 -0.87
C ARG B 422 33.09 17.22 -0.28
N PRO B 423 34.24 17.77 0.13
CA PRO B 423 34.24 19.12 0.68
C PRO B 423 33.94 20.16 -0.39
N VAL B 424 33.40 21.29 0.06
CA VAL B 424 33.10 22.41 -0.82
C VAL B 424 34.09 23.52 -0.55
N SER B 425 35.20 23.54 -1.30
CA SER B 425 36.23 24.54 -1.10
C SER B 425 35.79 25.88 -1.67
N SER B 426 36.41 26.94 -1.17
CA SER B 426 36.07 28.29 -1.61
C SER B 426 36.42 28.47 -3.08
N SER B 427 35.57 29.19 -3.80
CA SER B 427 35.77 29.42 -5.22
C SER B 427 35.77 28.11 -5.99
N LEU C 1 5.17 -22.38 -18.58
CA LEU C 1 3.77 -21.98 -18.56
C LEU C 1 2.92 -22.94 -19.38
N LYS C 2 1.95 -23.58 -18.73
CA LYS C 2 1.08 -24.54 -19.38
C LYS C 2 -0.24 -24.56 -18.63
N GLU C 3 -1.28 -24.00 -19.25
CA GLU C 3 -2.59 -23.89 -18.62
C GLU C 3 -3.47 -25.06 -19.03
N SER C 4 -4.05 -25.73 -18.04
CA SER C 4 -4.91 -26.88 -18.26
C SER C 4 -6.33 -26.55 -17.81
N TYR C 5 -7.31 -26.93 -18.62
CA TYR C 5 -8.71 -26.67 -18.33
C TYR C 5 -9.34 -27.94 -17.76
N LEU C 6 -9.90 -27.84 -16.56
CA LEU C 6 -10.55 -28.95 -15.89
C LEU C 6 -12.06 -28.76 -15.98
N GLU C 7 -12.72 -29.62 -16.76
CA GLU C 7 -14.13 -29.43 -17.06
C GLU C 7 -15.06 -29.99 -16.00
N GLU C 8 -14.56 -30.79 -15.06
CA GLU C 8 -15.42 -31.33 -14.02
C GLU C 8 -15.72 -30.32 -12.92
N SER C 9 -14.99 -29.20 -12.87
CA SER C 9 -15.24 -28.18 -11.85
C SER C 9 -15.15 -26.77 -12.38
N CYS C 10 -14.96 -26.57 -13.68
CA CYS C 10 -14.86 -25.23 -14.28
C CYS C 10 -13.75 -24.42 -13.61
N SER C 11 -12.52 -24.91 -13.76
CA SER C 11 -11.35 -24.25 -13.21
C SER C 11 -10.14 -24.58 -14.08
N THR C 12 -9.11 -23.75 -13.95
CA THR C 12 -7.88 -23.91 -14.70
C THR C 12 -6.69 -23.82 -13.76
N ILE C 13 -5.65 -24.59 -14.08
CA ILE C 13 -4.42 -24.63 -13.30
C ILE C 13 -3.25 -24.40 -14.24
N THR C 14 -2.36 -23.48 -13.88
CA THR C 14 -1.19 -23.13 -14.69
C THR C 14 0.06 -23.56 -13.95
N GLU C 15 0.80 -24.52 -14.50
CA GLU C 15 1.99 -25.09 -13.87
C GLU C 15 3.19 -24.75 -14.74
N GLY C 16 3.75 -23.56 -14.54
CA GLY C 16 4.97 -23.19 -15.23
C GLY C 16 5.89 -22.29 -14.42
N TYR C 17 5.55 -22.07 -13.15
CA TYR C 17 6.24 -21.07 -12.33
C TYR C 17 7.25 -21.73 -11.41
N LEU C 18 8.15 -20.90 -10.89
CA LEU C 18 9.12 -21.31 -9.88
C LEU C 18 9.02 -20.35 -8.70
N SER C 19 9.07 -20.90 -7.49
CA SER C 19 8.81 -20.11 -6.29
C SER C 19 10.10 -19.51 -5.74
N VAL C 20 9.96 -18.33 -5.14
CA VAL C 20 11.05 -17.65 -4.44
C VAL C 20 10.46 -17.10 -3.15
N LEU C 21 10.85 -17.65 -2.02
CA LEU C 21 10.25 -17.33 -0.73
C LEU C 21 11.29 -16.70 0.20
N ARG C 22 10.81 -15.81 1.07
CA ARG C 22 11.66 -15.13 2.04
C ARG C 22 11.73 -15.95 3.33
N THR C 23 12.93 -16.00 3.92
CA THR C 23 13.16 -16.77 5.13
C THR C 23 14.00 -15.99 6.11
N GLY C 24 13.64 -14.73 6.34
CA GLY C 24 14.30 -13.90 7.32
C GLY C 24 14.48 -12.49 6.81
N TRP C 25 15.35 -11.74 7.49
CA TRP C 25 15.65 -10.37 7.14
C TRP C 25 17.13 -10.10 7.37
N TYR C 26 17.74 -9.31 6.49
CA TYR C 26 19.11 -8.85 6.68
C TYR C 26 19.06 -7.47 7.34
N THR C 27 20.22 -6.82 7.47
CA THR C 27 20.26 -5.51 8.08
C THR C 27 21.60 -4.83 7.86
N ASN C 28 21.57 -3.58 7.38
CA ASN C 28 22.76 -2.74 7.27
C ASN C 28 22.46 -1.38 7.88
N VAL C 29 23.48 -0.77 8.46
CA VAL C 29 23.37 0.54 9.10
C VAL C 29 24.26 1.51 8.36
N PHE C 30 23.68 2.63 7.94
CA PHE C 30 24.40 3.66 7.19
C PHE C 30 24.44 4.95 8.00
N THR C 31 25.49 5.73 7.78
CA THR C 31 25.68 7.01 8.48
C THR C 31 26.15 8.03 7.44
N LEU C 32 25.23 8.83 6.94
CA LEU C 32 25.54 9.84 5.93
C LEU C 32 25.81 11.17 6.61
N GLU C 33 26.96 11.76 6.30
CA GLU C 33 27.40 13.01 6.90
C GLU C 33 27.47 14.10 5.83
N VAL C 34 27.03 15.31 6.19
CA VAL C 34 27.09 16.43 5.28
C VAL C 34 28.54 16.84 5.06
N GLY C 35 28.82 17.38 3.89
CA GLY C 35 30.17 17.77 3.55
C GLY C 35 30.63 18.99 4.33
N ASP C 36 31.93 19.25 4.24
CA ASP C 36 32.55 20.37 4.94
C ASP C 36 32.58 21.59 4.02
N VAL C 37 32.10 22.72 4.53
CA VAL C 37 32.08 23.98 3.79
C VAL C 37 33.15 24.89 4.38
N GLU C 38 33.98 25.47 3.51
CA GLU C 38 35.08 26.30 3.96
C GLU C 38 34.54 27.52 4.70
N ASN C 39 35.30 28.01 5.68
CA ASN C 39 34.93 29.19 6.44
C ASN C 39 34.57 30.36 5.54
N LEU C 40 33.47 31.03 5.84
CA LEU C 40 33.02 32.18 5.07
C LEU C 40 33.25 33.45 5.90
N THR C 41 34.01 34.39 5.34
CA THR C 41 34.20 35.66 6.00
C THR C 41 32.87 36.42 6.05
N CYS C 42 32.67 37.15 7.14
CA CYS C 42 31.42 37.86 7.38
C CYS C 42 30.23 36.89 7.38
N THR C 43 30.25 35.97 8.35
CA THR C 43 29.13 35.05 8.50
C THR C 43 27.83 35.78 8.83
N ASP C 44 27.92 36.98 9.41
CA ASP C 44 26.71 37.72 9.76
C ASP C 44 25.93 38.12 8.52
N CYS C 45 26.60 38.69 7.52
CA CYS C 45 25.90 39.17 6.34
C CYS C 45 25.32 37.99 5.56
N PRO C 46 24.10 38.13 5.04
CA PRO C 46 23.47 37.00 4.34
C PRO C 46 24.19 36.67 3.05
N SER C 47 24.07 35.41 2.63
CA SER C 47 24.66 34.95 1.39
C SER C 47 23.85 33.77 0.86
N LEU C 48 23.98 33.53 -0.44
CA LEU C 48 23.25 32.43 -1.06
C LEU C 48 23.70 31.06 -0.55
N ILE C 49 24.85 31.00 0.12
CA ILE C 49 25.32 29.74 0.69
C ILE C 49 24.87 29.61 2.15
N LYS C 50 24.86 30.71 2.90
CA LYS C 50 24.36 30.67 4.27
C LYS C 50 22.89 30.29 4.29
N THR C 51 22.10 30.83 3.35
CA THR C 51 20.69 30.45 3.26
C THR C 51 20.54 28.97 2.96
N GLU C 52 21.37 28.45 2.05
CA GLU C 52 21.31 27.02 1.74
C GLU C 52 21.67 26.18 2.95
N LEU C 53 22.71 26.59 3.69
CA LEU C 53 23.06 25.87 4.91
C LEU C 53 21.94 25.93 5.94
N ASP C 54 21.32 27.10 6.10
CA ASP C 54 20.25 27.24 7.08
C ASP C 54 19.08 26.33 6.76
N LEU C 55 18.72 26.23 5.48
CA LEU C 55 17.64 25.32 5.11
C LEU C 55 17.99 23.88 5.44
N THR C 56 19.23 23.48 5.17
CA THR C 56 19.67 22.12 5.50
C THR C 56 19.60 21.88 7.00
N LYS C 57 20.05 22.85 7.81
CA LYS C 57 19.98 22.69 9.25
C LYS C 57 18.53 22.60 9.72
N SER C 58 17.66 23.44 9.17
CA SER C 58 16.25 23.38 9.54
C SER C 58 15.62 22.07 9.13
N ALA C 59 15.95 21.58 7.94
CA ALA C 59 15.39 20.32 7.47
C ALA C 59 15.80 19.16 8.37
N LEU C 60 17.07 19.12 8.78
CA LEU C 60 17.53 18.06 9.68
C LEU C 60 16.83 18.16 11.02
N ARG C 61 16.68 19.37 11.56
CA ARG C 61 16.05 19.53 12.86
C ARG C 61 14.61 19.01 12.85
N GLU C 62 13.86 19.34 11.81
CA GLU C 62 12.50 18.81 11.69
C GLU C 62 12.52 17.29 11.51
N LEU C 63 13.47 16.78 10.73
CA LEU C 63 13.55 15.34 10.51
C LEU C 63 13.84 14.59 11.80
N LYS C 64 14.46 15.25 12.78
CA LYS C 64 14.76 14.59 14.04
C LYS C 64 13.49 14.18 14.77
N THR C 65 12.40 14.92 14.59
CA THR C 65 11.15 14.60 15.27
C THR C 65 10.64 13.24 14.85
N VAL C 66 10.71 12.93 13.56
CA VAL C 66 10.28 11.62 13.05
C VAL C 66 11.51 10.72 13.04
N SER C 67 11.75 10.05 14.16
CA SER C 67 12.89 9.17 14.31
C SER C 67 12.44 7.94 15.10
N ALA C 68 13.40 7.09 15.45
CA ALA C 68 13.11 5.91 16.24
C ALA C 68 14.07 5.70 17.41
N ASP C 69 15.25 6.33 17.40
CA ASP C 69 16.22 6.12 18.48
C ASP C 69 15.84 6.89 19.74
N GLN C 70 15.72 8.21 19.62
CA GLN C 70 15.42 9.07 20.76
C GLN C 70 14.02 9.66 20.68
N LEU C 71 13.69 10.34 19.59
CA LEU C 71 12.40 10.99 19.43
C LEU C 71 11.45 10.07 18.66
N ALA C 72 10.25 9.89 19.18
CA ALA C 72 9.25 9.04 18.56
C ALA C 72 9.77 7.61 18.42
N LYS C 163 22.75 40.36 -0.92
CA LYS C 163 23.97 40.36 -1.72
C LYS C 163 24.24 38.96 -2.28
N CYS C 164 24.91 38.91 -3.43
CA CYS C 164 25.28 37.64 -4.05
C CYS C 164 26.42 37.88 -5.01
N ASP C 165 27.55 37.22 -4.78
CA ASP C 165 28.75 37.38 -5.59
C ASP C 165 28.96 36.13 -6.44
N ILE C 166 29.91 36.23 -7.37
CA ILE C 166 30.20 35.11 -8.26
C ILE C 166 30.69 33.91 -7.45
N ALA C 167 31.58 34.15 -6.49
CA ALA C 167 32.05 33.06 -5.64
C ALA C 167 30.91 32.48 -4.82
N ASP C 168 30.00 33.33 -4.35
CA ASP C 168 28.88 32.86 -3.53
C ASP C 168 28.01 31.88 -4.31
N LEU C 169 27.73 32.19 -5.58
CA LEU C 169 26.85 31.33 -6.37
C LEU C 169 27.44 29.95 -6.55
N CYS C 170 28.75 29.86 -6.75
CA CYS C 170 29.38 28.56 -6.96
C CYS C 170 29.15 27.65 -5.75
N MET C 171 29.28 28.21 -4.54
CA MET C 171 29.07 27.41 -3.34
C MET C 171 27.64 26.88 -3.28
N ALA C 172 26.66 27.72 -3.61
CA ALA C 172 25.26 27.29 -3.57
C ALA C 172 25.03 26.14 -4.55
N VAL C 173 25.58 26.24 -5.76
CA VAL C 173 25.46 25.15 -6.72
C VAL C 173 26.29 23.96 -6.29
N SER C 174 27.53 24.19 -5.87
CA SER C 174 28.42 23.10 -5.52
C SER C 174 27.90 22.32 -4.32
N PHE C 175 27.33 23.03 -3.34
CA PHE C 175 26.85 22.36 -2.14
C PHE C 175 25.79 21.33 -2.47
N SER C 176 24.85 21.68 -3.36
CA SER C 176 23.78 20.77 -3.73
C SER C 176 24.24 19.68 -4.69
N GLN C 177 25.45 19.77 -5.23
CA GLN C 177 25.97 18.75 -6.14
C GLN C 177 26.77 17.69 -5.41
N PHE C 178 27.80 18.09 -4.67
CA PHE C 178 28.60 17.14 -3.92
C PHE C 178 27.75 16.41 -2.88
N ASN C 179 26.90 17.14 -2.17
CA ASN C 179 26.03 16.54 -1.16
C ASN C 179 24.65 16.23 -1.77
N ARG C 180 24.68 15.42 -2.84
CA ARG C 180 23.45 15.03 -3.51
C ARG C 180 22.84 13.78 -2.92
N ARG C 181 23.66 12.79 -2.57
CA ARG C 181 23.13 11.58 -1.94
C ARG C 181 22.51 11.89 -0.59
N PHE C 182 23.17 12.74 0.20
CA PHE C 182 22.64 13.05 1.53
C PHE C 182 21.29 13.75 1.43
N LEU C 183 21.17 14.73 0.53
CA LEU C 183 19.91 15.45 0.41
C LEU C 183 18.78 14.54 -0.06
N ASN C 184 19.08 13.64 -1.00
CA ASN C 184 18.05 12.71 -1.47
C ASN C 184 17.56 11.82 -0.34
N VAL C 185 18.46 11.33 0.50
CA VAL C 185 18.03 10.51 1.63
C VAL C 185 17.19 11.33 2.60
N VAL C 186 17.59 12.57 2.86
CA VAL C 186 16.78 13.44 3.70
C VAL C 186 15.43 13.70 3.06
N ARG C 187 15.42 13.95 1.74
CA ARG C 187 14.17 14.23 1.05
C ARG C 187 13.23 13.03 1.10
N GLN C 188 13.76 11.83 0.88
CA GLN C 188 12.91 10.65 0.85
C GLN C 188 12.31 10.36 2.22
N PHE C 189 13.11 10.47 3.28
CA PHE C 189 12.60 10.18 4.61
C PHE C 189 11.56 11.20 5.05
N SER C 190 11.78 12.47 4.74
CA SER C 190 10.79 13.49 5.07
C SER C 190 9.49 13.27 4.31
N ASP C 191 9.58 12.89 3.03
CA ASP C 191 8.39 12.70 2.23
C ASP C 191 7.51 11.57 2.79
N ASN C 192 8.14 10.47 3.20
CA ASN C 192 7.41 9.33 3.74
C ASN C 192 7.24 9.41 5.25
N ALA C 193 7.82 10.42 5.90
CA ALA C 193 7.65 10.63 7.34
C ALA C 193 8.19 9.45 8.14
N GLY C 194 9.48 9.19 7.98
CA GLY C 194 10.19 8.27 8.85
C GLY C 194 10.75 7.02 8.19
N ILE C 195 10.00 6.41 7.29
CA ILE C 195 10.40 5.15 6.65
C ILE C 195 10.11 5.23 5.17
N THR C 196 11.05 4.75 4.35
CA THR C 196 10.84 4.71 2.92
C THR C 196 10.21 3.38 2.51
N PRO C 197 9.21 3.39 1.62
CA PRO C 197 8.56 2.11 1.28
C PRO C 197 9.48 1.09 0.65
N ALA C 198 10.48 1.53 -0.11
CA ALA C 198 11.40 0.62 -0.79
C ALA C 198 12.79 1.21 -0.74
N ILE C 199 13.78 0.35 -1.02
CA ILE C 199 15.18 0.76 -0.99
C ILE C 199 15.51 1.47 -2.30
N SER C 200 15.35 2.79 -2.32
CA SER C 200 15.63 3.57 -3.52
C SER C 200 17.12 3.49 -3.85
N LEU C 201 17.53 4.06 -4.97
CA LEU C 201 18.94 4.08 -5.33
C LEU C 201 19.62 5.34 -4.79
N ASP C 202 19.34 5.64 -3.52
CA ASP C 202 20.09 6.63 -2.76
C ASP C 202 20.43 6.19 -1.36
N LEU C 203 19.67 5.27 -0.77
CA LEU C 203 20.04 4.68 0.51
C LEU C 203 21.18 3.69 0.35
N MET C 204 21.12 2.85 -0.67
CA MET C 204 22.12 1.82 -0.92
C MET C 204 22.35 1.72 -2.41
N THR C 205 23.53 2.15 -2.85
CA THR C 205 23.87 2.07 -4.27
C THR C 205 24.03 0.61 -4.68
N ASP C 206 24.20 0.40 -5.98
CA ASP C 206 24.34 -0.96 -6.50
C ASP C 206 25.58 -1.64 -5.95
N ALA C 207 26.69 -0.90 -5.85
CA ALA C 207 27.92 -1.50 -5.33
C ALA C 207 27.74 -1.99 -3.91
N GLU C 208 27.07 -1.21 -3.06
CA GLU C 208 26.82 -1.64 -1.69
C GLU C 208 25.81 -2.78 -1.65
N LEU C 209 24.79 -2.72 -2.49
CA LEU C 209 23.78 -3.78 -2.50
C LEU C 209 24.38 -5.12 -2.92
N ALA C 210 25.22 -5.10 -3.97
CA ALA C 210 25.81 -6.34 -4.45
C ALA C 210 26.71 -6.98 -3.38
N ARG C 211 27.50 -6.17 -2.69
CA ARG C 211 28.36 -6.69 -1.63
C ARG C 211 27.53 -7.28 -0.50
N ALA C 212 26.46 -6.60 -0.09
CA ALA C 212 25.65 -7.09 1.01
C ALA C 212 25.02 -8.43 0.69
N VAL C 213 24.53 -8.59 -0.54
CA VAL C 213 23.87 -9.83 -0.93
C VAL C 213 24.85 -11.00 -0.86
N SER C 214 26.10 -10.75 -1.24
CA SER C 214 27.10 -11.82 -1.23
C SER C 214 27.42 -12.30 0.18
N TYR C 215 27.10 -11.51 1.20
CA TYR C 215 27.41 -11.86 2.59
C TYR C 215 26.25 -12.54 3.31
N MET C 216 25.11 -12.74 2.65
CA MET C 216 23.97 -13.31 3.35
C MET C 216 24.25 -14.78 3.70
N PRO C 217 23.61 -15.30 4.75
CA PRO C 217 23.81 -16.70 5.16
C PRO C 217 22.94 -17.67 4.37
N THR C 218 23.21 -17.78 3.08
CA THR C 218 22.49 -18.69 2.20
C THR C 218 23.46 -19.33 1.21
N SER C 219 23.08 -20.50 0.71
CA SER C 219 23.93 -21.22 -0.22
C SER C 219 24.21 -20.38 -1.46
N ALA C 220 25.16 -20.83 -2.26
CA ALA C 220 25.54 -20.09 -3.46
C ALA C 220 24.39 -19.99 -4.44
N GLY C 221 23.51 -20.99 -4.47
CA GLY C 221 22.40 -20.96 -5.42
C GLY C 221 21.47 -19.80 -5.19
N GLN C 222 21.09 -19.58 -3.92
CA GLN C 222 20.19 -18.47 -3.61
C GLN C 222 20.86 -17.13 -3.89
N ILE C 223 22.14 -17.00 -3.54
CA ILE C 223 22.85 -15.74 -3.73
C ILE C 223 22.92 -15.39 -5.22
N LYS C 224 23.19 -16.38 -6.06
CA LYS C 224 23.28 -16.12 -7.49
C LYS C 224 21.97 -15.59 -8.04
N LEU C 225 20.84 -16.17 -7.61
CA LEU C 225 19.54 -15.71 -8.10
C LEU C 225 19.27 -14.27 -7.70
N MET C 226 19.58 -13.91 -6.45
CA MET C 226 19.29 -12.57 -5.97
C MET C 226 20.07 -11.52 -6.77
N LEU C 227 21.34 -11.79 -7.05
CA LEU C 227 22.12 -10.86 -7.87
C LEU C 227 21.55 -10.74 -9.27
N GLU C 228 21.04 -11.85 -9.83
CA GLU C 228 20.56 -11.82 -11.20
C GLU C 228 19.41 -10.84 -11.36
N ASN C 229 18.46 -10.83 -10.42
CA ASN C 229 17.31 -9.93 -10.45
C ASN C 229 17.22 -9.25 -9.08
N ARG C 230 17.97 -8.16 -8.93
CA ARG C 230 17.95 -7.38 -7.69
C ARG C 230 16.88 -6.30 -7.69
N ALA C 231 16.11 -6.18 -8.78
CA ALA C 231 15.00 -5.23 -8.78
C ALA C 231 13.96 -5.62 -7.73
N MET C 232 13.65 -6.91 -7.63
CA MET C 232 12.71 -7.39 -6.61
C MET C 232 13.44 -7.80 -5.34
N VAL C 233 14.33 -6.91 -4.89
CA VAL C 233 14.96 -7.01 -3.58
C VAL C 233 14.73 -5.70 -2.88
N ARG C 234 14.95 -4.60 -3.60
CA ARG C 234 14.68 -3.28 -3.05
C ARG C 234 13.20 -3.09 -2.76
N ARG C 235 12.33 -3.57 -3.64
CA ARG C 235 10.89 -3.41 -3.43
C ARG C 235 10.44 -4.16 -2.19
N LYS C 236 10.96 -5.37 -1.98
CA LYS C 236 10.56 -6.15 -0.81
C LYS C 236 11.18 -5.62 0.48
N GLY C 237 12.27 -4.86 0.39
CA GLY C 237 12.87 -4.25 1.55
C GLY C 237 12.26 -2.90 1.89
N PHE C 238 12.81 -2.28 2.92
CA PHE C 238 12.34 -0.96 3.33
C PHE C 238 13.31 -0.32 4.31
N GLY C 239 13.68 0.94 4.06
CA GLY C 239 14.59 1.63 4.94
C GLY C 239 13.89 2.20 6.16
N ILE C 240 14.65 2.32 7.25
CA ILE C 240 14.14 2.84 8.51
C ILE C 240 15.10 3.90 9.01
N LEU C 241 14.56 5.04 9.44
CA LEU C 241 15.36 6.14 9.96
C LEU C 241 15.58 5.91 11.46
N ILE C 242 16.82 5.68 11.85
CA ILE C 242 17.14 5.43 13.26
C ILE C 242 17.11 6.73 14.05
N GLY C 243 17.89 7.71 13.62
CA GLY C 243 17.94 8.98 14.32
C GLY C 243 18.85 9.94 13.58
N VAL C 244 18.83 11.18 14.06
CA VAL C 244 19.65 12.26 13.49
C VAL C 244 20.47 12.88 14.61
N TYR C 245 21.79 12.88 14.46
CA TYR C 245 22.69 13.49 15.43
C TYR C 245 23.60 14.45 14.70
N GLY C 246 23.67 15.69 15.21
CA GLY C 246 24.50 16.68 14.55
C GLY C 246 24.09 16.88 13.11
N SER C 247 25.05 16.81 12.21
CA SER C 247 24.81 16.95 10.77
C SER C 247 24.75 15.61 10.05
N SER C 248 24.78 14.50 10.79
CA SER C 248 24.76 13.17 10.20
C SER C 248 23.38 12.54 10.35
N VAL C 249 23.11 11.54 9.51
CA VAL C 249 21.85 10.81 9.51
C VAL C 249 22.17 9.32 9.56
N ILE C 250 21.46 8.60 10.42
CA ILE C 250 21.65 7.16 10.60
C ILE C 250 20.35 6.46 10.25
N TYR C 251 20.43 5.44 9.40
CA TYR C 251 19.25 4.71 8.96
C TYR C 251 19.61 3.27 8.68
N MET C 252 18.58 2.43 8.62
CA MET C 252 18.72 0.99 8.39
C MET C 252 17.97 0.61 7.12
N VAL C 253 18.47 -0.40 6.42
CA VAL C 253 17.90 -0.82 5.15
C VAL C 253 17.04 -2.07 5.28
N GLN C 254 17.52 -3.08 6.02
CA GLN C 254 16.74 -4.30 6.26
C GLN C 254 16.38 -5.01 4.96
N LEU C 255 17.43 -5.50 4.29
CA LEU C 255 17.24 -6.21 3.04
C LEU C 255 16.51 -7.54 3.27
N PRO C 256 15.73 -8.01 2.31
CA PRO C 256 15.13 -9.33 2.43
C PRO C 256 16.15 -10.43 2.14
N ILE C 257 15.83 -11.63 2.61
CA ILE C 257 16.68 -12.81 2.43
C ILE C 257 15.81 -13.92 1.87
N PHE C 258 16.27 -14.54 0.78
CA PHE C 258 15.54 -15.63 0.12
C PHE C 258 16.28 -16.94 0.37
N GLY C 259 15.56 -17.93 0.88
CA GLY C 259 16.16 -19.21 1.24
C GLY C 259 15.64 -20.37 0.43
N VAL C 260 14.42 -20.26 -0.08
CA VAL C 260 13.78 -21.30 -0.88
C VAL C 260 13.60 -20.75 -2.29
N ILE C 261 14.21 -21.42 -3.27
CA ILE C 261 14.13 -21.00 -4.66
C ILE C 261 13.92 -22.21 -5.55
N ASP C 262 13.41 -21.95 -6.75
CA ASP C 262 13.26 -22.98 -7.78
C ASP C 262 12.45 -24.17 -7.28
N THR C 263 11.39 -23.89 -6.53
CA THR C 263 10.44 -24.93 -6.13
C THR C 263 9.18 -24.78 -6.98
N PRO C 264 8.87 -25.72 -7.87
CA PRO C 264 7.77 -25.48 -8.83
C PRO C 264 6.45 -25.24 -8.12
N CYS C 265 5.63 -24.38 -8.71
CA CYS C 265 4.30 -24.15 -8.18
C CYS C 265 3.41 -23.52 -9.24
N TRP C 266 2.12 -23.41 -8.92
CA TRP C 266 1.08 -23.15 -9.89
C TRP C 266 0.07 -22.15 -9.33
N ILE C 267 -0.96 -21.86 -10.12
CA ILE C 267 -2.06 -20.98 -9.73
C ILE C 267 -3.36 -21.61 -10.20
N ILE C 268 -4.40 -21.53 -9.37
CA ILE C 268 -5.70 -22.12 -9.67
C ILE C 268 -6.74 -21.02 -9.72
N LYS C 269 -7.55 -21.03 -10.80
CA LYS C 269 -8.67 -20.12 -10.95
C LYS C 269 -9.91 -20.93 -11.27
N ALA C 270 -11.03 -20.55 -10.66
CA ALA C 270 -12.27 -21.30 -10.80
C ALA C 270 -13.45 -20.35 -11.04
N ALA C 271 -14.47 -20.87 -11.68
CA ALA C 271 -15.70 -20.13 -11.96
C ALA C 271 -16.88 -21.05 -11.69
N PRO C 272 -18.07 -20.48 -11.45
CA PRO C 272 -19.23 -21.31 -11.14
C PRO C 272 -19.56 -22.27 -12.28
N SER C 273 -20.01 -23.47 -11.91
CA SER C 273 -20.43 -24.50 -12.86
C SER C 273 -21.81 -24.96 -12.44
N CYS C 274 -22.84 -24.34 -12.99
CA CYS C 274 -24.23 -24.61 -12.61
C CYS C 274 -24.87 -25.52 -13.65
N SER C 275 -25.41 -26.64 -13.18
CA SER C 275 -26.17 -27.55 -14.02
C SER C 275 -27.66 -27.21 -13.94
N GLU C 276 -28.38 -27.52 -15.01
CA GLU C 276 -29.81 -27.24 -15.11
C GLU C 276 -30.60 -28.53 -15.00
N LYS C 277 -31.70 -28.48 -14.25
CA LYS C 277 -32.55 -29.66 -14.07
C LYS C 277 -33.99 -29.18 -13.94
N ASP C 278 -34.72 -29.18 -15.06
CA ASP C 278 -36.13 -28.79 -15.07
C ASP C 278 -36.32 -27.39 -14.49
N GLY C 279 -35.41 -26.49 -14.84
CA GLY C 279 -35.46 -25.13 -14.36
C GLY C 279 -34.84 -24.90 -13.00
N ASN C 280 -34.34 -25.95 -12.35
CA ASN C 280 -33.70 -25.84 -11.04
C ASN C 280 -32.20 -25.98 -11.21
N TYR C 281 -31.46 -25.03 -10.66
CA TYR C 281 -30.01 -24.96 -10.83
C TYR C 281 -29.28 -25.49 -9.59
N ALA C 282 -28.01 -25.84 -9.79
CA ALA C 282 -27.16 -26.33 -8.71
C ALA C 282 -25.74 -25.89 -9.02
N CYS C 283 -25.33 -24.75 -8.46
CA CYS C 283 -24.02 -24.19 -8.73
C CYS C 283 -22.99 -24.74 -7.75
N LEU C 284 -21.79 -25.00 -8.25
CA LEU C 284 -20.66 -25.47 -7.44
C LEU C 284 -19.44 -24.64 -7.81
N LEU C 285 -19.04 -23.74 -6.90
CA LEU C 285 -17.90 -22.86 -7.11
C LEU C 285 -16.80 -23.22 -6.13
N ARG C 286 -15.60 -23.46 -6.65
CA ARG C 286 -14.47 -23.79 -5.79
C ARG C 286 -14.01 -22.56 -5.01
N GLU C 287 -13.66 -22.79 -3.75
CA GLU C 287 -13.17 -21.72 -2.89
C GLU C 287 -11.66 -21.74 -2.70
N ASP C 288 -10.99 -22.80 -3.15
CA ASP C 288 -9.53 -22.88 -3.06
C ASP C 288 -8.90 -22.19 -4.28
N GLN C 289 -9.13 -20.89 -4.35
CA GLN C 289 -8.70 -20.07 -5.48
C GLN C 289 -7.54 -19.19 -5.05
N GLY C 290 -6.49 -19.16 -5.86
CA GLY C 290 -5.33 -18.34 -5.59
C GLY C 290 -4.07 -19.09 -5.96
N TRP C 291 -2.95 -18.67 -5.36
CA TRP C 291 -1.68 -19.31 -5.61
C TRP C 291 -1.54 -20.58 -4.76
N TYR C 292 -0.57 -21.41 -5.15
CA TYR C 292 -0.34 -22.68 -4.46
C TYR C 292 1.12 -23.07 -4.71
N CYS C 293 1.99 -22.83 -3.73
CA CYS C 293 3.40 -23.15 -3.89
C CYS C 293 3.87 -24.06 -2.77
N LYS C 294 4.94 -24.79 -3.05
CA LYS C 294 5.41 -25.90 -2.24
C LYS C 294 6.75 -25.54 -1.60
N ASN C 295 6.94 -26.00 -0.36
CA ASN C 295 8.21 -25.79 0.34
C ASN C 295 8.21 -26.58 1.63
N ALA C 296 9.38 -27.13 1.97
CA ALA C 296 9.62 -27.78 3.26
C ALA C 296 8.53 -28.81 3.58
N GLY C 297 8.26 -29.68 2.62
CA GLY C 297 7.28 -30.73 2.83
C GLY C 297 5.89 -30.20 3.14
N SER C 298 5.50 -29.09 2.50
CA SER C 298 4.19 -28.52 2.69
C SER C 298 3.91 -27.57 1.54
N THR C 299 2.64 -27.20 1.39
CA THR C 299 2.20 -26.31 0.33
C THR C 299 1.56 -25.08 0.95
N VAL C 300 1.95 -23.90 0.46
CA VAL C 300 1.39 -22.65 0.95
C VAL C 300 0.28 -22.23 -0.01
N TYR C 301 -0.64 -21.40 0.50
CA TYR C 301 -1.90 -21.09 -0.17
C TYR C 301 -2.17 -19.59 -0.15
N TYR C 302 -1.20 -18.79 -0.59
CA TYR C 302 -1.46 -17.36 -0.73
C TYR C 302 -2.76 -17.18 -1.50
N PRO C 303 -3.83 -16.72 -0.84
CA PRO C 303 -5.15 -16.70 -1.50
C PRO C 303 -5.42 -15.48 -2.36
N ASN C 304 -4.51 -14.51 -2.40
CA ASN C 304 -4.69 -13.29 -3.18
C ASN C 304 -3.68 -13.26 -4.31
N ASP C 305 -4.17 -13.00 -5.53
CA ASP C 305 -3.28 -12.93 -6.68
C ASP C 305 -2.28 -11.80 -6.54
N LYS C 306 -2.65 -10.73 -5.83
CA LYS C 306 -1.75 -9.60 -5.64
C LYS C 306 -0.67 -9.88 -4.62
N ASP C 307 -0.82 -10.94 -3.80
CA ASP C 307 0.20 -11.26 -2.81
C ASP C 307 1.52 -11.63 -3.47
N CYS C 308 1.47 -12.39 -4.55
CA CYS C 308 2.67 -12.86 -5.24
C CYS C 308 2.86 -12.06 -6.53
N GLU C 309 4.07 -11.54 -6.71
CA GLU C 309 4.42 -10.78 -7.90
C GLU C 309 5.20 -11.66 -8.86
N THR C 310 4.81 -11.66 -10.12
CA THR C 310 5.42 -12.51 -11.14
C THR C 310 6.47 -11.72 -11.92
N ARG C 311 7.61 -12.36 -12.16
CA ARG C 311 8.72 -11.78 -12.92
C ARG C 311 9.16 -12.76 -14.00
N GLY C 312 8.20 -13.30 -14.74
CA GLY C 312 8.48 -14.34 -15.70
C GLY C 312 8.15 -15.72 -15.13
N ASP C 313 9.12 -16.62 -15.14
CA ASP C 313 8.95 -17.92 -14.49
C ASP C 313 9.46 -17.88 -13.06
N HIS C 314 8.99 -16.87 -12.31
CA HIS C 314 9.38 -16.71 -10.91
C HIS C 314 8.29 -15.93 -10.21
N VAL C 315 7.86 -16.41 -9.05
CA VAL C 315 6.87 -15.74 -8.22
C VAL C 315 7.54 -15.38 -6.91
N PHE C 316 7.58 -14.08 -6.59
CA PHE C 316 8.22 -13.60 -5.38
C PHE C 316 7.16 -13.43 -4.29
N CYS C 317 6.62 -14.56 -3.86
CA CYS C 317 5.60 -14.55 -2.83
C CYS C 317 6.18 -14.09 -1.50
N ASP C 318 5.35 -13.42 -0.72
CA ASP C 318 5.73 -12.92 0.60
C ASP C 318 5.19 -13.86 1.67
N THR C 319 6.08 -14.34 2.54
CA THR C 319 5.70 -15.29 3.59
C THR C 319 5.03 -14.53 4.75
N ALA C 320 3.93 -13.87 4.43
CA ALA C 320 3.14 -13.15 5.42
C ALA C 320 1.65 -13.47 5.37
N ALA C 321 1.13 -13.94 4.23
CA ALA C 321 -0.26 -14.32 4.10
C ALA C 321 -0.46 -15.79 3.75
N GLY C 322 0.61 -16.52 3.44
CA GLY C 322 0.49 -17.92 3.08
C GLY C 322 -0.11 -18.78 4.16
N ILE C 323 -1.08 -19.61 3.79
CA ILE C 323 -1.71 -20.56 4.70
C ILE C 323 -1.20 -21.94 4.34
N ASN C 324 -0.45 -22.55 5.23
CA ASN C 324 0.11 -23.88 4.96
C ASN C 324 -1.02 -24.90 4.87
N VAL C 325 -0.95 -25.76 3.84
CA VAL C 325 -1.93 -26.81 3.63
C VAL C 325 -1.21 -28.11 3.34
N ALA C 326 -1.89 -29.22 3.57
CA ALA C 326 -1.30 -30.53 3.38
C ALA C 326 -0.95 -30.76 1.91
N GLU C 327 0.15 -31.47 1.68
CA GLU C 327 0.56 -31.78 0.33
C GLU C 327 -0.49 -32.62 -0.40
N GLN C 328 -1.39 -33.28 0.34
CA GLN C 328 -2.48 -34.02 -0.27
C GLN C 328 -3.56 -33.10 -0.83
N SER C 329 -3.45 -31.79 -0.62
CA SER C 329 -4.42 -30.85 -1.17
C SER C 329 -4.11 -30.58 -2.64
N ARG C 330 -3.96 -31.65 -3.40
CA ARG C 330 -3.78 -31.56 -4.85
C ARG C 330 -4.67 -32.51 -5.62
N GLU C 331 -5.24 -33.53 -4.97
CA GLU C 331 -6.16 -34.44 -5.64
C GLU C 331 -7.46 -33.76 -6.06
N CYS C 332 -7.72 -32.55 -5.58
CA CYS C 332 -8.92 -31.84 -6.00
C CYS C 332 -8.92 -31.60 -7.50
N ASN C 333 -7.77 -31.23 -8.06
CA ASN C 333 -7.69 -30.99 -9.50
C ASN C 333 -8.00 -32.27 -10.28
N ILE C 334 -7.37 -33.38 -9.90
CA ILE C 334 -7.60 -34.64 -10.60
C ILE C 334 -9.05 -35.08 -10.44
N ASN C 335 -9.56 -35.04 -9.21
CA ASN C 335 -10.93 -35.42 -8.90
C ASN C 335 -11.44 -34.50 -7.80
N ILE C 336 -12.60 -33.89 -8.03
CA ILE C 336 -13.06 -32.84 -7.12
C ILE C 336 -13.28 -33.40 -5.72
N SER C 337 -13.94 -34.56 -5.62
CA SER C 337 -14.22 -35.14 -4.32
C SER C 337 -13.04 -35.98 -3.82
N THR C 338 -12.71 -37.06 -4.53
CA THR C 338 -11.57 -37.93 -4.27
C THR C 338 -11.58 -38.54 -2.88
N THR C 339 -12.59 -38.24 -2.07
CA THR C 339 -12.79 -38.90 -0.78
C THR C 339 -11.55 -38.89 0.11
N ASN C 340 -10.56 -38.06 -0.24
CA ASN C 340 -9.29 -38.04 0.49
C ASN C 340 -9.04 -36.70 1.15
N TYR C 341 -9.05 -35.61 0.40
CA TYR C 341 -8.83 -34.27 0.95
C TYR C 341 -10.07 -33.42 0.72
N PRO C 342 -10.89 -33.16 1.74
CA PRO C 342 -12.08 -32.33 1.52
C PRO C 342 -11.76 -30.99 0.88
N CYS C 343 -12.20 -30.80 -0.36
CA CYS C 343 -11.94 -29.55 -1.08
C CYS C 343 -13.04 -28.54 -0.76
N LYS C 344 -12.64 -27.27 -0.71
CA LYS C 344 -13.55 -26.19 -0.31
C LYS C 344 -14.40 -25.79 -1.51
N VAL C 345 -15.69 -26.14 -1.46
CA VAL C 345 -16.65 -25.77 -2.49
C VAL C 345 -17.86 -25.14 -1.81
N SER C 346 -18.59 -24.33 -2.57
CA SER C 346 -19.75 -23.60 -2.06
C SER C 346 -20.93 -23.89 -2.99
N THR C 347 -21.76 -24.86 -2.59
CA THR C 347 -22.95 -25.19 -3.37
C THR C 347 -23.92 -24.02 -3.38
N GLY C 348 -24.56 -23.81 -4.54
CA GLY C 348 -25.52 -22.74 -4.70
C GLY C 348 -26.79 -23.23 -5.38
N ARG C 349 -27.72 -22.29 -5.54
CA ARG C 349 -28.99 -22.58 -6.18
C ARG C 349 -29.39 -21.58 -7.26
N HIS C 350 -28.62 -20.51 -7.45
CA HIS C 350 -28.94 -19.49 -8.44
C HIS C 350 -27.77 -19.33 -9.40
N PRO C 351 -28.01 -19.29 -10.71
CA PRO C 351 -26.89 -19.15 -11.64
C PRO C 351 -26.17 -17.82 -11.49
N ILE C 352 -24.86 -17.83 -11.73
CA ILE C 352 -24.03 -16.64 -11.72
C ILE C 352 -23.26 -16.59 -13.02
N SER C 353 -23.26 -15.43 -13.67
CA SER C 353 -22.55 -15.22 -14.92
C SER C 353 -21.38 -14.27 -14.65
N MET C 354 -20.17 -14.73 -14.97
CA MET C 354 -18.98 -13.96 -14.68
C MET C 354 -17.85 -14.43 -15.60
N VAL C 355 -16.79 -13.63 -15.65
CA VAL C 355 -15.61 -13.93 -16.45
C VAL C 355 -14.39 -13.85 -15.54
N ALA C 356 -13.58 -14.91 -15.53
CA ALA C 356 -12.35 -14.96 -14.75
C ALA C 356 -11.17 -15.02 -15.71
N LEU C 357 -10.19 -14.13 -15.48
CA LEU C 357 -9.04 -14.01 -16.37
C LEU C 357 -7.90 -14.86 -15.84
N SER C 358 -7.54 -15.90 -16.57
CA SER C 358 -6.41 -16.75 -16.25
C SER C 358 -5.13 -16.18 -16.86
N PRO C 359 -3.97 -16.66 -16.43
CA PRO C 359 -2.71 -16.10 -16.97
C PRO C 359 -2.61 -16.21 -18.48
N LEU C 360 -3.14 -17.27 -19.09
CA LEU C 360 -3.09 -17.49 -20.53
C LEU C 360 -4.48 -17.79 -21.08
N GLY C 361 -5.46 -17.00 -20.67
CA GLY C 361 -6.82 -17.21 -21.13
C GLY C 361 -7.81 -16.65 -20.11
N ALA C 362 -9.05 -17.11 -20.22
CA ALA C 362 -10.09 -16.71 -19.29
C ALA C 362 -11.21 -17.73 -19.32
N LEU C 363 -11.99 -17.74 -18.23
CA LEU C 363 -13.14 -18.61 -18.10
C LEU C 363 -14.40 -17.78 -18.29
N VAL C 364 -15.29 -18.22 -19.18
CA VAL C 364 -16.53 -17.53 -19.47
C VAL C 364 -17.69 -18.43 -19.07
N ALA C 365 -18.46 -18.00 -18.08
CA ALA C 365 -19.66 -18.70 -17.64
C ALA C 365 -20.83 -17.75 -17.66
N CYS C 366 -21.92 -18.17 -18.28
CA CYS C 366 -23.11 -17.31 -18.37
C CYS C 366 -24.32 -18.18 -18.67
N TYR C 367 -25.37 -18.02 -17.85
CA TYR C 367 -26.54 -18.89 -17.91
C TYR C 367 -27.81 -18.06 -17.83
N LYS C 368 -28.80 -18.45 -18.64
CA LYS C 368 -30.20 -18.07 -18.42
C LYS C 368 -30.38 -16.55 -18.37
N GLY C 369 -30.14 -15.92 -19.52
CA GLY C 369 -30.58 -14.55 -19.69
C GLY C 369 -29.58 -13.61 -20.34
N VAL C 370 -28.30 -13.81 -20.09
CA VAL C 370 -27.25 -12.94 -20.61
C VAL C 370 -26.55 -13.67 -21.75
N SER C 371 -26.35 -12.96 -22.85
CA SER C 371 -25.75 -13.54 -24.06
C SER C 371 -24.25 -13.35 -24.03
N CYS C 372 -23.52 -14.42 -24.31
CA CYS C 372 -22.07 -14.41 -24.36
C CYS C 372 -21.59 -14.37 -25.80
N SER C 373 -20.39 -13.83 -26.00
CA SER C 373 -19.79 -13.78 -27.32
C SER C 373 -18.33 -13.40 -27.18
N ILE C 374 -17.50 -13.98 -28.04
CA ILE C 374 -16.06 -13.74 -28.05
C ILE C 374 -15.70 -13.06 -29.37
N GLY C 375 -14.95 -11.98 -29.29
CA GLY C 375 -14.57 -11.25 -30.48
C GLY C 375 -13.19 -10.65 -30.32
N SER C 376 -12.51 -10.45 -31.44
CA SER C 376 -11.18 -9.85 -31.47
C SER C 376 -11.27 -8.43 -32.02
N ASN C 377 -10.13 -7.75 -32.00
CA ASN C 377 -10.06 -6.40 -32.54
C ASN C 377 -10.20 -6.37 -34.06
N ARG C 378 -10.13 -7.53 -34.72
CA ARG C 378 -10.33 -7.60 -36.16
C ARG C 378 -11.79 -7.88 -36.50
N VAL C 379 -12.34 -8.98 -36.01
CA VAL C 379 -13.73 -9.35 -36.23
C VAL C 379 -14.37 -9.67 -34.89
N GLY C 380 -15.52 -9.09 -34.61
CA GLY C 380 -16.18 -9.25 -33.33
C GLY C 380 -17.36 -10.20 -33.35
N ILE C 381 -17.47 -11.00 -34.41
CA ILE C 381 -18.59 -11.92 -34.57
C ILE C 381 -18.07 -13.34 -34.68
N ILE C 382 -16.98 -13.64 -33.97
CA ILE C 382 -16.33 -14.94 -34.11
C ILE C 382 -17.34 -16.06 -33.85
N LYS C 383 -18.09 -15.96 -32.75
CA LYS C 383 -19.09 -16.95 -32.41
C LYS C 383 -19.84 -16.46 -31.17
N GLN C 384 -20.87 -17.21 -30.79
CA GLN C 384 -21.62 -16.99 -29.57
C GLN C 384 -21.40 -18.18 -28.66
N LEU C 385 -20.82 -17.95 -27.48
CA LEU C 385 -20.50 -19.06 -26.60
C LEU C 385 -21.77 -19.77 -26.17
N PRO C 386 -21.77 -21.10 -26.11
CA PRO C 386 -22.97 -21.82 -25.65
C PRO C 386 -23.16 -21.67 -24.15
N LYS C 387 -24.39 -21.94 -23.70
CA LYS C 387 -24.73 -21.83 -22.30
C LYS C 387 -23.96 -22.87 -21.50
N GLY C 388 -22.99 -22.41 -20.72
CA GLY C 388 -22.17 -23.31 -19.92
C GLY C 388 -20.83 -22.66 -19.62
N CYS C 389 -19.98 -23.46 -18.99
CA CYS C 389 -18.62 -23.03 -18.65
C CYS C 389 -17.69 -23.34 -19.83
N SER C 390 -17.07 -22.31 -20.38
CA SER C 390 -16.22 -22.45 -21.55
C SER C 390 -14.88 -21.79 -21.29
N TYR C 391 -13.82 -22.40 -21.81
CA TYR C 391 -12.46 -21.90 -21.68
C TYR C 391 -11.94 -21.47 -23.05
N ILE C 392 -11.51 -20.23 -23.15
CA ILE C 392 -11.05 -19.64 -24.41
C ILE C 392 -9.61 -19.19 -24.24
N THR C 393 -8.77 -19.56 -25.20
CA THR C 393 -7.35 -19.22 -25.12
C THR C 393 -7.14 -17.72 -25.29
N ASN C 394 -6.05 -17.22 -24.70
CA ASN C 394 -5.75 -15.79 -24.81
C ASN C 394 -5.53 -15.39 -26.25
N GLN C 395 -4.81 -16.21 -27.03
CA GLN C 395 -4.53 -15.91 -28.42
C GLN C 395 -5.70 -16.20 -29.34
N ASP C 396 -6.70 -16.96 -28.88
CA ASP C 396 -7.85 -17.27 -29.74
C ASP C 396 -8.76 -16.06 -29.88
N ALA C 397 -8.97 -15.32 -28.81
CA ALA C 397 -9.86 -14.17 -28.80
C ALA C 397 -9.28 -13.09 -27.92
N ASP C 398 -9.74 -11.85 -28.12
CA ASP C 398 -9.25 -10.71 -27.36
C ASP C 398 -10.29 -10.07 -26.45
N THR C 399 -11.56 -10.11 -26.81
CA THR C 399 -12.61 -9.47 -26.03
C THR C 399 -13.74 -10.46 -25.75
N VAL C 400 -14.29 -10.37 -24.55
CA VAL C 400 -15.43 -11.19 -24.13
C VAL C 400 -16.53 -10.25 -23.68
N THR C 401 -17.68 -10.33 -24.33
CA THR C 401 -18.80 -9.42 -24.07
C THR C 401 -19.89 -10.20 -23.34
N ILE C 402 -20.06 -9.88 -22.05
CA ILE C 402 -21.11 -10.49 -21.24
C ILE C 402 -22.23 -9.46 -21.17
N ASP C 403 -23.16 -9.55 -22.13
CA ASP C 403 -24.30 -8.63 -22.19
C ASP C 403 -23.82 -7.18 -22.30
N ASN C 404 -23.13 -6.90 -23.40
CA ASN C 404 -22.62 -5.56 -23.69
C ASN C 404 -21.65 -5.09 -22.60
N THR C 405 -20.57 -5.86 -22.44
CA THR C 405 -19.49 -5.48 -21.53
C THR C 405 -18.21 -6.14 -22.02
N VAL C 406 -17.40 -5.38 -22.76
CA VAL C 406 -16.12 -5.91 -23.24
C VAL C 406 -15.17 -6.09 -22.07
N TYR C 407 -14.35 -7.14 -22.12
CA TYR C 407 -13.50 -7.49 -21.00
C TYR C 407 -12.00 -7.47 -21.30
N GLN C 408 -11.60 -7.41 -22.56
CA GLN C 408 -10.20 -7.17 -22.93
C GLN C 408 -9.28 -8.21 -22.28
N LEU C 409 -9.44 -9.45 -22.74
CA LEU C 409 -8.64 -10.56 -22.22
C LEU C 409 -7.18 -10.16 -22.01
N SER C 410 -6.57 -9.49 -22.98
CA SER C 410 -5.17 -9.12 -22.93
C SER C 410 -5.03 -7.60 -23.04
N LYS C 411 -3.87 -7.11 -22.60
CA LYS C 411 -3.60 -5.68 -22.65
C LYS C 411 -3.63 -5.18 -24.09
N VAL C 412 -4.12 -3.95 -24.27
CA VAL C 412 -4.21 -3.32 -25.58
C VAL C 412 -3.11 -2.29 -25.69
N GLU C 413 -2.32 -2.37 -26.76
CA GLU C 413 -1.20 -1.46 -26.96
C GLU C 413 -1.70 -0.14 -27.56
N GLY C 414 -1.12 0.96 -27.07
CA GLY C 414 -1.52 2.28 -27.54
C GLY C 414 -0.52 2.87 -28.51
N GLU C 415 -0.04 4.08 -28.20
CA GLU C 415 0.90 4.80 -29.05
C GLU C 415 2.23 4.96 -28.34
N GLN C 416 3.30 5.06 -29.11
CA GLN C 416 4.64 5.24 -28.60
C GLN C 416 5.09 6.68 -28.86
N HIS C 417 5.58 7.35 -27.83
CA HIS C 417 6.02 8.74 -27.91
C HIS C 417 7.52 8.82 -27.67
N VAL C 418 8.18 9.72 -28.39
CA VAL C 418 9.59 10.02 -28.20
C VAL C 418 9.70 11.51 -27.89
N ILE C 419 10.29 11.83 -26.73
CA ILE C 419 10.37 13.20 -26.24
C ILE C 419 11.81 13.52 -25.92
N LYS C 420 12.27 14.69 -26.38
CA LYS C 420 13.62 15.16 -26.13
C LYS C 420 13.57 16.57 -25.55
N GLY C 421 14.41 16.82 -24.55
CA GLY C 421 14.45 18.13 -23.94
C GLY C 421 15.15 19.15 -24.82
N ARG C 422 14.92 20.42 -24.51
CA ARG C 422 15.50 21.50 -25.29
C ARG C 422 17.02 21.49 -25.15
N PRO C 423 17.74 21.91 -26.20
CA PRO C 423 19.20 21.94 -26.11
C PRO C 423 19.70 23.05 -25.20
N VAL C 424 20.91 22.85 -24.68
CA VAL C 424 21.60 23.83 -23.84
C VAL C 424 22.79 24.35 -24.64
N SER C 425 22.87 25.66 -24.80
CA SER C 425 23.92 26.30 -25.59
C SER C 425 24.67 27.30 -24.71
N SER C 426 25.97 27.43 -24.98
CA SER C 426 26.80 28.35 -24.22
C SER C 426 26.31 29.78 -24.40
N SER C 427 26.22 30.51 -23.29
CA SER C 427 25.77 31.89 -23.30
C SER C 427 24.37 31.99 -23.90
#